data_7YP8
#
_entry.id   7YP8
#
_cell.length_a   48.794
_cell.length_b   82.979
_cell.length_c   229.250
_cell.angle_alpha   90.000
_cell.angle_beta   90.000
_cell.angle_gamma   90.000
#
_symmetry.space_group_name_H-M   'P 21 21 21'
#
loop_
_entity.id
_entity.type
_entity.pdbx_description
1 polymer 'Leucine--tRNA ligase'
2 non-polymer 1,2-ETHANEDIOL
3 non-polymer '[(2R,3S,4R,5R)-5-(4-azanylimidazo[4,5-c]pyridin-1-yl)-3,4-bis(oxidanyl)oxolan-2-yl]methyl N-[(2S)-2-azanyl-4-methyl-pentanoyl]sulfamate'
4 non-polymer 'ZINC ION'
5 non-polymer 'MAGNESIUM ION'
6 water water
#
_entity_poly.entity_id   1
_entity_poly.type   'polypeptide(L)'
_entity_poly.pdbx_seq_one_letter_code
;GMQEHYQPAAIEPAAQKKWDDARISNVSEDASKPKYYCLSMFPYPSGKLHMGHVRNYTIGDVLSRFKLLNGFNVMQPMGW
DAFGMPAENAAMKNNVAPAAWTYDNIEYMKTQLKSLGFAVDWEREVATCKPEYYRWEQWLFTKLFEKGIVYRKNGTVNWD
PVDQTVLANEQVIDGRGWRSGALIEKREIPMYYFKITDYAEELLNDLDKLEHWPEQVKTMQRNWIGKSRGMTVRFAVSDD
SKQGLEGDYAKFLQVYTTRPDTLMGATYVAVAAEHPLATAAAADKPELQAFIAECKAGSVAEADMATMEKKGVPTGRYVV
NPLNGDKLEVWIANYVLWGYGDGAVMAVPAHDERDFEFAAKYNLPKKQVIAVGDNAFDANRWQEWYGDKENGVLVNSGDL
DGLDFQTAFDAVAAKLQSQGAGEPKTQYRLRDWGISRQRYWGCPIPIVHCEKCGNVPVPADQLPVVLPENVVPDGMGSPL
AKMPEFYETSCPCCGGAAKRETDTMDTFIESSWYFFRYMSPKFSDGMVSAESAKYWGAVDQYIGGIEHAILHLLYARFFT
KLMRDEGLVNVDEPFERLLTQGMVVCETYYRENDKGGKDWINPADVELTFDDKGRPVSAVLKADGLPVVISGTEKMSKSK
NNGVDPQELINAYGADTARLFMMFAAPPEQSLEWSDSGVEGAHRFLRRLWRTVYEYLKQGGAVKAFAGNQDGLSKELKDL
RHKLHSTTAKVSDDYGRRQQFNTAIAAVMELLNQYDKTDTGSEQGRAVAQEVLEAAVRLLWPIVPHICETLWSELNGAKL
WEAGWPTVDEAALVKSEIEVMVQVNGKLRGKITVAADASKADLEAAALANEGAVKFMEGKPAKKIIVVPGRLVNIVV
;
_entity_poly.pdbx_strand_id   A
#
# COMPACT_ATOMS: atom_id res chain seq x y z
N MET A 2 -41.67 4.67 18.92
CA MET A 2 -40.37 5.22 18.57
C MET A 2 -40.05 6.48 19.41
N GLN A 3 -38.86 6.50 20.02
CA GLN A 3 -38.40 7.67 20.76
C GLN A 3 -38.16 8.85 19.81
N GLU A 4 -38.50 10.05 20.29
CA GLU A 4 -38.41 11.23 19.43
C GLU A 4 -36.97 11.62 19.15
N HIS A 5 -36.08 11.46 20.13
CA HIS A 5 -34.74 12.02 20.01
C HIS A 5 -33.70 10.92 19.83
N TYR A 6 -32.76 11.21 18.94
CA TYR A 6 -31.66 10.31 18.65
C TYR A 6 -30.76 10.16 19.87
N GLN A 7 -30.62 8.92 20.38
CA GLN A 7 -29.79 8.64 21.56
C GLN A 7 -28.82 7.52 21.23
N PRO A 8 -27.65 7.83 20.65
CA PRO A 8 -26.73 6.77 20.25
C PRO A 8 -26.20 5.95 21.41
N ALA A 9 -25.98 6.57 22.58
CA ALA A 9 -25.49 5.81 23.73
C ALA A 9 -26.39 4.62 24.05
N ALA A 10 -27.70 4.73 23.78
CA ALA A 10 -28.65 3.64 23.98
C ALA A 10 -28.77 2.70 22.77
N ILE A 11 -28.94 3.26 21.56
CA ILE A 11 -29.24 2.38 20.43
C ILE A 11 -28.01 1.66 19.89
N GLU A 12 -26.79 2.16 20.12
CA GLU A 12 -25.64 1.53 19.48
C GLU A 12 -25.27 0.21 20.16
N PRO A 13 -25.18 0.15 21.50
CA PRO A 13 -25.02 -1.17 22.13
C PRO A 13 -26.12 -2.16 21.76
N ALA A 14 -27.38 -1.74 21.71
CA ALA A 14 -28.45 -2.67 21.36
C ALA A 14 -28.31 -3.18 19.93
N ALA A 15 -27.85 -2.32 19.01
CA ALA A 15 -27.64 -2.79 17.64
C ALA A 15 -26.50 -3.81 17.58
N GLN A 16 -25.39 -3.52 18.27
CA GLN A 16 -24.25 -4.45 18.23
C GLN A 16 -24.64 -5.81 18.79
N LYS A 17 -25.41 -5.82 19.90
CA LYS A 17 -25.87 -7.09 20.48
C LYS A 17 -26.76 -7.84 19.50
N LYS A 18 -27.66 -7.13 18.82
CA LYS A 18 -28.51 -7.77 17.83
C LYS A 18 -27.68 -8.41 16.72
N TRP A 19 -26.66 -7.72 16.20
CA TRP A 19 -25.82 -8.32 15.17
C TRP A 19 -25.03 -9.52 15.72
N ASP A 20 -24.45 -9.38 16.92
CA ASP A 20 -23.67 -10.46 17.52
C ASP A 20 -24.54 -11.70 17.72
N ASP A 21 -25.75 -11.52 18.26
CA ASP A 21 -26.64 -12.65 18.46
C ASP A 21 -27.02 -13.33 17.15
N ALA A 22 -27.24 -12.55 16.09
CA ALA A 22 -27.57 -13.13 14.81
C ALA A 22 -26.36 -13.78 14.14
N ARG A 23 -25.15 -13.56 14.66
CA ARG A 23 -23.90 -14.10 14.11
C ARG A 23 -23.69 -13.74 12.63
N ILE A 24 -24.19 -12.59 12.18
CA ILE A 24 -24.10 -12.29 10.75
C ILE A 24 -22.66 -12.12 10.27
N SER A 25 -21.73 -11.80 11.16
CA SER A 25 -20.33 -11.61 10.79
C SER A 25 -19.44 -12.82 11.06
N ASN A 26 -19.97 -13.88 11.66
CA ASN A 26 -19.20 -15.10 11.92
C ASN A 26 -19.50 -16.08 10.78
N VAL A 27 -18.53 -16.28 9.88
CA VAL A 27 -18.80 -16.95 8.61
C VAL A 27 -18.05 -18.26 8.52
N SER A 28 -18.62 -19.20 7.79
CA SER A 28 -18.00 -20.47 7.47
C SER A 28 -17.73 -20.55 5.96
N GLU A 29 -17.09 -21.64 5.52
CA GLU A 29 -16.82 -21.87 4.10
C GLU A 29 -18.08 -22.41 3.44
N ASP A 30 -19.03 -21.50 3.22
CA ASP A 30 -20.38 -21.84 2.78
C ASP A 30 -20.44 -21.86 1.25
N ALA A 31 -20.52 -23.05 0.67
CA ALA A 31 -20.53 -23.15 -0.79
C ALA A 31 -21.81 -22.63 -1.42
N SER A 32 -22.87 -22.46 -0.62
CA SER A 32 -24.14 -21.95 -1.11
C SER A 32 -24.17 -20.44 -1.23
N LYS A 33 -23.06 -19.75 -0.98
CA LYS A 33 -23.04 -18.32 -1.10
C LYS A 33 -21.72 -17.91 -1.76
N PRO A 34 -21.73 -16.85 -2.57
CA PRO A 34 -20.48 -16.36 -3.15
C PRO A 34 -19.63 -15.68 -2.08
N LYS A 35 -18.33 -15.99 -2.08
CA LYS A 35 -17.45 -15.51 -1.02
C LYS A 35 -16.95 -14.11 -1.32
N TYR A 36 -16.68 -13.36 -0.26
CA TYR A 36 -16.08 -12.04 -0.40
C TYR A 36 -15.16 -11.84 0.80
N TYR A 37 -13.89 -11.61 0.54
CA TYR A 37 -12.88 -11.50 1.59
C TYR A 37 -12.34 -10.08 1.54
N CYS A 38 -12.71 -9.28 2.55
CA CYS A 38 -12.28 -7.90 2.67
C CYS A 38 -11.38 -7.75 3.88
N LEU A 39 -10.18 -7.23 3.66
CA LEU A 39 -9.15 -7.20 4.69
C LEU A 39 -8.60 -5.79 4.85
N SER A 40 -8.53 -5.32 6.08
CA SER A 40 -7.77 -4.13 6.41
C SER A 40 -6.47 -4.54 7.09
N MET A 41 -5.40 -3.77 6.86
CA MET A 41 -4.10 -4.10 7.43
C MET A 41 -4.16 -4.10 8.96
N PHE A 42 -3.84 -5.24 9.59
CA PHE A 42 -4.01 -5.33 11.04
C PHE A 42 -2.98 -4.47 11.79
N PRO A 43 -3.37 -3.90 12.93
CA PRO A 43 -2.53 -2.91 13.60
C PRO A 43 -1.49 -3.54 14.53
N TYR A 44 -0.44 -2.76 14.81
CA TYR A 44 0.45 -3.09 15.93
C TYR A 44 -0.30 -2.78 17.23
N PRO A 45 -0.34 -3.71 18.19
CA PRO A 45 -1.03 -3.42 19.47
C PRO A 45 -0.15 -2.58 20.39
N SER A 46 0.08 -1.33 20.01
CA SER A 46 1.06 -0.49 20.69
C SER A 46 0.45 0.41 21.75
N GLY A 47 -0.83 0.27 22.05
CA GLY A 47 -1.45 1.12 23.06
C GLY A 47 -2.90 1.43 22.79
N LYS A 48 -3.16 2.45 21.96
CA LYS A 48 -4.52 2.84 21.62
C LYS A 48 -4.60 3.10 20.13
N LEU A 49 -5.72 2.73 19.53
CA LEU A 49 -6.02 3.18 18.18
C LEU A 49 -6.47 4.63 18.22
N HIS A 50 -6.27 5.33 17.12
CA HIS A 50 -6.76 6.70 17.01
C HIS A 50 -7.65 6.78 15.77
N MET A 51 -8.19 7.98 15.52
CA MET A 51 -9.14 8.14 14.43
C MET A 51 -8.53 7.80 13.06
N GLY A 52 -7.22 7.89 12.91
CA GLY A 52 -6.61 7.44 11.67
C GLY A 52 -6.87 5.97 11.40
N HIS A 53 -6.48 5.12 12.36
CA HIS A 53 -6.80 3.71 12.28
C HIS A 53 -8.29 3.50 12.01
N VAL A 54 -9.13 4.28 12.70
CA VAL A 54 -10.57 4.15 12.55
C VAL A 54 -11.01 4.40 11.11
N ARG A 55 -10.46 5.43 10.47
CA ARG A 55 -10.81 5.68 9.08
C ARG A 55 -10.50 4.47 8.22
N ASN A 56 -9.34 3.86 8.42
CA ASN A 56 -8.95 2.66 7.69
C ASN A 56 -9.98 1.55 7.87
N TYR A 57 -10.35 1.27 9.12
CA TYR A 57 -11.22 0.13 9.38
C TYR A 57 -12.67 0.44 9.06
N THR A 58 -13.08 1.70 9.13
CA THR A 58 -14.40 2.08 8.64
C THR A 58 -14.50 1.90 7.12
N ILE A 59 -13.44 2.25 6.39
CA ILE A 59 -13.49 2.02 4.93
C ILE A 59 -13.69 0.54 4.66
N GLY A 60 -12.96 -0.32 5.37
CA GLY A 60 -13.14 -1.76 5.18
C GLY A 60 -14.52 -2.23 5.57
N ASP A 61 -15.08 -1.67 6.65
CA ASP A 61 -16.41 -2.09 7.09
C ASP A 61 -17.49 -1.65 6.10
N VAL A 62 -17.36 -0.45 5.54
CA VAL A 62 -18.31 0.00 4.52
C VAL A 62 -18.35 -0.99 3.36
N LEU A 63 -17.17 -1.39 2.88
CA LEU A 63 -17.10 -2.30 1.74
C LEU A 63 -17.64 -3.66 2.11
N SER A 64 -17.29 -4.16 3.30
CA SER A 64 -17.80 -5.45 3.77
C SER A 64 -19.33 -5.42 3.87
N ARG A 65 -19.87 -4.39 4.53
CA ARG A 65 -21.32 -4.32 4.72
C ARG A 65 -22.05 -4.13 3.39
N PHE A 66 -21.47 -3.38 2.46
CA PHE A 66 -22.07 -3.29 1.13
C PHE A 66 -22.22 -4.67 0.51
N LYS A 67 -21.14 -5.45 0.50
CA LYS A 67 -21.20 -6.78 -0.10
C LYS A 67 -22.10 -7.70 0.70
N LEU A 68 -22.10 -7.58 2.03
CA LEU A 68 -23.04 -8.36 2.82
C LEU A 68 -24.47 -8.11 2.36
N LEU A 69 -24.85 -6.84 2.23
CA LEU A 69 -26.22 -6.55 1.81
C LEU A 69 -26.53 -7.10 0.42
N ASN A 70 -25.51 -7.29 -0.42
CA ASN A 70 -25.72 -7.86 -1.73
C ASN A 70 -25.60 -9.38 -1.76
N GLY A 71 -25.75 -10.03 -0.61
CA GLY A 71 -25.81 -11.48 -0.55
C GLY A 71 -24.49 -12.21 -0.57
N PHE A 72 -23.38 -11.52 -0.36
CA PHE A 72 -22.10 -12.21 -0.31
C PHE A 72 -21.86 -12.81 1.07
N ASN A 73 -21.13 -13.91 1.09
CA ASN A 73 -20.60 -14.48 2.32
C ASN A 73 -19.31 -13.74 2.65
N VAL A 74 -19.40 -12.73 3.51
CA VAL A 74 -18.30 -11.78 3.72
C VAL A 74 -17.46 -12.20 4.93
N MET A 75 -16.16 -12.42 4.70
CA MET A 75 -15.20 -12.55 5.79
C MET A 75 -14.47 -11.23 5.93
N GLN A 76 -14.57 -10.62 7.11
CA GLN A 76 -13.81 -9.40 7.42
C GLN A 76 -13.08 -9.62 8.73
N PRO A 77 -11.83 -10.03 8.70
CA PRO A 77 -11.17 -10.44 9.94
C PRO A 77 -10.28 -9.36 10.55
N MET A 78 -9.99 -9.47 11.85
CA MET A 78 -9.10 -8.53 12.52
C MET A 78 -8.17 -9.30 13.43
N GLY A 79 -7.01 -8.70 13.69
CA GLY A 79 -5.96 -9.38 14.42
C GLY A 79 -4.89 -8.39 14.83
N TRP A 80 -3.84 -8.91 15.46
CA TRP A 80 -2.86 -8.06 16.11
C TRP A 80 -1.47 -8.42 15.63
N ASP A 81 -0.76 -7.43 15.09
CA ASP A 81 0.59 -7.59 14.55
C ASP A 81 1.56 -7.32 15.69
N ALA A 82 1.78 -8.37 16.48
CA ALA A 82 2.13 -8.18 17.89
C ALA A 82 3.62 -8.14 18.18
N PHE A 83 4.47 -8.73 17.33
CA PHE A 83 5.89 -8.70 17.65
C PHE A 83 6.51 -7.37 17.26
N GLY A 84 7.68 -7.08 17.84
CA GLY A 84 8.47 -5.98 17.35
C GLY A 84 8.90 -5.04 18.45
N MET A 85 9.45 -3.92 18.03
CA MET A 85 10.17 -3.02 18.91
C MET A 85 9.31 -2.17 19.84
N PRO A 86 8.05 -1.83 19.51
CA PRO A 86 7.22 -1.10 20.49
C PRO A 86 7.20 -1.72 21.89
N ALA A 87 6.96 -3.03 21.99
CA ALA A 87 6.87 -3.66 23.30
C ALA A 87 8.23 -3.74 23.97
N GLU A 88 9.29 -3.96 23.18
CA GLU A 88 10.63 -4.01 23.76
C GLU A 88 11.00 -2.66 24.37
N ASN A 89 10.60 -1.56 23.71
CA ASN A 89 10.89 -0.23 24.25
C ASN A 89 10.05 0.04 25.50
N ALA A 90 8.77 -0.31 25.45
CA ALA A 90 7.93 -0.18 26.64
C ALA A 90 8.48 -0.97 27.81
N ALA A 91 9.20 -2.07 27.54
CA ALA A 91 9.81 -2.83 28.62
C ALA A 91 10.96 -2.07 29.26
N MET A 92 11.73 -1.32 28.47
CA MET A 92 12.85 -0.56 29.02
C MET A 92 12.40 0.70 29.75
N LYS A 93 11.19 1.19 29.49
CA LYS A 93 10.68 2.37 30.16
C LYS A 93 9.87 2.04 31.40
N ASN A 94 9.04 0.99 31.35
CA ASN A 94 8.15 0.65 32.45
C ASN A 94 8.58 -0.57 33.23
N ASN A 95 9.67 -1.23 32.83
CA ASN A 95 10.13 -2.48 33.44
C ASN A 95 8.98 -3.47 33.57
N VAL A 96 8.33 -3.74 32.43
CA VAL A 96 7.27 -4.71 32.32
C VAL A 96 7.61 -5.64 31.15
N ALA A 97 7.02 -6.84 31.17
CA ALA A 97 7.31 -7.82 30.14
C ALA A 97 6.64 -7.43 28.83
N PRO A 98 7.30 -7.64 27.69
CA PRO A 98 6.65 -7.33 26.40
C PRO A 98 5.33 -8.06 26.20
N ALA A 99 5.25 -9.33 26.60
CA ALA A 99 4.01 -10.07 26.41
C ALA A 99 2.87 -9.42 27.20
N ALA A 100 3.14 -9.05 28.45
CA ALA A 100 2.09 -8.46 29.29
C ALA A 100 1.63 -7.11 28.73
N TRP A 101 2.58 -6.26 28.36
CA TRP A 101 2.23 -5.00 27.74
C TRP A 101 1.37 -5.20 26.50
N THR A 102 1.72 -6.20 25.69
CA THR A 102 1.04 -6.43 24.43
C THR A 102 -0.39 -6.91 24.63
N TYR A 103 -0.56 -7.93 25.47
CA TYR A 103 -1.90 -8.47 25.70
C TYR A 103 -2.79 -7.43 26.37
N ASP A 104 -2.22 -6.55 27.20
CA ASP A 104 -3.00 -5.44 27.76
C ASP A 104 -3.49 -4.50 26.66
N ASN A 105 -2.58 -4.10 25.75
CA ASN A 105 -2.97 -3.21 24.67
C ASN A 105 -4.03 -3.86 23.79
N ILE A 106 -3.92 -5.17 23.55
CA ILE A 106 -4.87 -5.88 22.70
C ILE A 106 -6.27 -5.81 23.30
N GLU A 107 -6.38 -6.02 24.60
CA GLU A 107 -7.67 -5.97 25.29
C GLU A 107 -8.32 -4.60 25.15
N TYR A 108 -7.56 -3.52 25.37
CA TYR A 108 -8.12 -2.18 25.24
C TYR A 108 -8.48 -1.88 23.79
N MET A 109 -7.61 -2.25 22.85
CA MET A 109 -7.89 -1.92 21.46
C MET A 109 -9.04 -2.73 20.92
N LYS A 110 -9.24 -3.96 21.41
CA LYS A 110 -10.35 -4.77 20.92
C LYS A 110 -11.69 -4.16 21.33
N THR A 111 -11.77 -3.61 22.54
CA THR A 111 -12.99 -2.92 22.94
C THR A 111 -13.17 -1.63 22.16
N GLN A 112 -12.08 -0.95 21.79
CA GLN A 112 -12.22 0.22 20.93
C GLN A 112 -12.94 -0.15 19.65
N LEU A 113 -12.51 -1.26 19.02
CA LEU A 113 -13.08 -1.69 17.76
C LEU A 113 -14.53 -2.18 17.93
N LYS A 114 -14.78 -2.99 18.96
CA LYS A 114 -16.15 -3.42 19.22
C LYS A 114 -17.08 -2.23 19.39
N SER A 115 -16.58 -1.18 20.04
CA SER A 115 -17.38 0.01 20.27
C SER A 115 -17.80 0.68 18.97
N LEU A 116 -17.00 0.52 17.91
CA LEU A 116 -17.30 1.15 16.63
C LEU A 116 -18.26 0.34 15.77
N GLY A 117 -18.59 -0.87 16.19
CA GLY A 117 -19.57 -1.68 15.47
C GLY A 117 -19.11 -2.17 14.11
N PHE A 118 -17.84 -2.51 13.96
CA PHE A 118 -17.37 -3.11 12.73
C PHE A 118 -17.89 -4.54 12.60
N ALA A 119 -18.24 -4.93 11.38
CA ALA A 119 -18.81 -6.25 11.11
C ALA A 119 -17.68 -7.27 10.92
N VAL A 120 -17.04 -7.63 12.03
CA VAL A 120 -15.79 -8.38 12.05
C VAL A 120 -16.07 -9.79 12.59
N ASP A 121 -15.44 -10.79 11.97
CA ASP A 121 -15.52 -12.16 12.47
C ASP A 121 -14.48 -12.34 13.58
N TRP A 122 -14.86 -12.00 14.81
CA TRP A 122 -13.92 -12.12 15.92
C TRP A 122 -13.55 -13.57 16.23
N GLU A 123 -14.34 -14.54 15.78
CA GLU A 123 -13.93 -15.93 15.92
C GLU A 123 -12.68 -16.27 15.10
N ARG A 124 -12.28 -15.41 14.17
CA ARG A 124 -11.06 -15.63 13.41
C ARG A 124 -9.92 -14.77 13.90
N GLU A 125 -10.08 -14.11 15.05
CA GLU A 125 -9.02 -13.26 15.58
C GLU A 125 -7.71 -14.04 15.75
N VAL A 126 -6.59 -13.41 15.36
CA VAL A 126 -5.27 -13.97 15.60
C VAL A 126 -4.41 -12.92 16.30
N ALA A 127 -3.48 -13.42 17.12
CA ALA A 127 -2.45 -12.62 17.76
C ALA A 127 -1.11 -13.24 17.41
N THR A 128 -0.31 -12.55 16.61
CA THR A 128 0.84 -13.18 15.99
C THR A 128 1.95 -13.54 16.98
N CYS A 129 1.88 -13.06 18.22
CA CYS A 129 2.92 -13.41 19.18
C CYS A 129 2.61 -14.70 19.93
N LYS A 130 1.50 -15.35 19.62
CA LYS A 130 1.08 -16.61 20.20
C LYS A 130 1.72 -17.78 19.46
N PRO A 131 2.20 -18.77 20.22
CA PRO A 131 2.85 -19.93 19.58
C PRO A 131 1.96 -20.60 18.55
N GLU A 132 0.65 -20.67 18.79
CA GLU A 132 -0.22 -21.32 17.83
C GLU A 132 -0.23 -20.61 16.49
N TYR A 133 0.20 -19.35 16.44
CA TYR A 133 0.43 -18.67 15.18
C TYR A 133 1.86 -18.87 14.67
N TYR A 134 2.86 -18.50 15.47
CA TYR A 134 4.18 -18.38 14.85
C TYR A 134 4.86 -19.73 14.63
N ARG A 135 4.33 -20.82 15.19
CA ARG A 135 4.86 -22.15 14.87
C ARG A 135 4.87 -22.42 13.37
N TRP A 136 3.94 -21.84 12.62
CA TRP A 136 3.79 -22.17 11.20
C TRP A 136 4.76 -21.41 10.32
N GLU A 137 5.15 -20.20 10.73
CA GLU A 137 6.24 -19.55 10.00
C GLU A 137 7.58 -20.18 10.36
N GLN A 138 7.73 -20.67 11.60
CA GLN A 138 8.88 -21.53 11.90
C GLN A 138 8.88 -22.76 11.01
N TRP A 139 7.70 -23.40 10.86
CA TRP A 139 7.57 -24.55 9.98
C TRP A 139 8.04 -24.23 8.57
N LEU A 140 7.52 -23.14 7.99
CA LEU A 140 7.89 -22.81 6.62
C LEU A 140 9.37 -22.48 6.53
N PHE A 141 9.91 -21.80 7.54
CA PHE A 141 11.34 -21.55 7.61
C PHE A 141 12.14 -22.84 7.44
N THR A 142 11.79 -23.90 8.21
CA THR A 142 12.56 -25.13 8.12
C THR A 142 12.41 -25.79 6.75
N LYS A 143 11.22 -25.73 6.16
CA LYS A 143 11.02 -26.34 4.85
C LYS A 143 11.84 -25.63 3.77
N LEU A 144 11.90 -24.29 3.85
CA LEU A 144 12.71 -23.56 2.86
C LEU A 144 14.20 -23.68 3.15
N PHE A 145 14.58 -23.80 4.42
CA PHE A 145 15.98 -23.92 4.77
C PHE A 145 16.59 -25.18 4.17
N GLU A 146 15.84 -26.29 4.17
CA GLU A 146 16.36 -27.53 3.60
C GLU A 146 16.37 -27.51 2.08
N LYS A 147 15.56 -26.64 1.46
CA LYS A 147 15.64 -26.40 0.02
C LYS A 147 16.68 -25.34 -0.35
N GLY A 148 17.33 -24.73 0.63
CA GLY A 148 18.24 -23.64 0.33
C GLY A 148 17.57 -22.32 0.00
N ILE A 149 16.23 -22.24 0.01
CA ILE A 149 15.55 -20.96 -0.20
C ILE A 149 15.82 -20.02 0.97
N VAL A 150 15.88 -20.55 2.19
CA VAL A 150 16.45 -19.84 3.33
C VAL A 150 17.86 -20.38 3.52
N TYR A 151 18.83 -19.49 3.75
CA TYR A 151 20.20 -19.91 3.94
C TYR A 151 20.88 -19.01 4.97
N ARG A 152 22.03 -19.47 5.45
CA ARG A 152 22.82 -18.77 6.44
C ARG A 152 24.09 -18.26 5.78
N LYS A 153 24.45 -17.01 6.06
CA LYS A 153 25.69 -16.46 5.53
C LYS A 153 26.06 -15.22 6.32
N ASN A 154 27.35 -14.89 6.31
CA ASN A 154 27.83 -13.72 7.02
C ASN A 154 27.26 -12.45 6.40
N GLY A 155 26.87 -11.50 7.25
CA GLY A 155 26.43 -10.21 6.79
C GLY A 155 26.88 -9.14 7.75
N THR A 156 26.79 -7.89 7.31
CA THR A 156 27.30 -6.76 8.07
C THR A 156 26.23 -6.21 9.01
N VAL A 157 26.66 -5.81 10.22
CA VAL A 157 25.77 -5.19 11.19
C VAL A 157 26.47 -4.01 11.84
N ASN A 158 25.67 -3.12 12.43
CA ASN A 158 26.13 -1.96 13.19
C ASN A 158 26.28 -2.37 14.64
N TRP A 159 27.51 -2.45 15.12
CA TRP A 159 27.79 -2.83 16.49
C TRP A 159 28.10 -1.58 17.31
N ASP A 160 27.32 -1.36 18.37
CA ASP A 160 27.57 -0.29 19.32
C ASP A 160 28.42 -0.83 20.44
N PRO A 161 29.69 -0.42 20.57
CA PRO A 161 30.58 -1.01 21.59
C PRO A 161 30.25 -0.59 23.01
N VAL A 162 29.50 0.48 23.20
CA VAL A 162 29.17 0.94 24.54
C VAL A 162 27.88 0.31 25.05
N ASP A 163 26.81 0.41 24.27
CA ASP A 163 25.55 -0.23 24.64
C ASP A 163 25.60 -1.76 24.48
N GLN A 164 26.61 -2.29 23.78
CA GLN A 164 26.79 -3.74 23.60
C GLN A 164 25.59 -4.35 22.89
N THR A 165 25.23 -3.76 21.76
CA THR A 165 24.02 -4.14 21.06
C THR A 165 24.20 -3.86 19.57
N VAL A 166 23.49 -4.63 18.75
CA VAL A 166 23.41 -4.36 17.32
C VAL A 166 22.43 -3.21 17.10
N LEU A 167 22.76 -2.32 16.17
CA LEU A 167 21.93 -1.15 15.90
C LEU A 167 21.40 -1.19 14.48
N ALA A 168 20.12 -0.83 14.33
CA ALA A 168 19.60 -0.59 13.01
C ALA A 168 20.20 0.70 12.43
N ASN A 169 20.24 0.77 11.10
CA ASN A 169 20.79 1.97 10.46
C ASN A 169 20.06 3.24 10.91
N GLU A 170 18.79 3.12 11.31
CA GLU A 170 18.03 4.29 11.71
C GLU A 170 18.56 4.93 12.97
N GLN A 171 19.31 4.18 13.79
CA GLN A 171 19.86 4.70 15.04
C GLN A 171 21.37 4.94 14.96
N VAL A 172 21.90 5.13 13.75
CA VAL A 172 23.31 5.45 13.56
C VAL A 172 23.35 6.81 12.87
N ILE A 173 23.64 7.85 13.64
CA ILE A 173 23.70 9.22 13.16
C ILE A 173 25.15 9.69 13.21
N ASP A 174 25.65 10.20 12.08
CA ASP A 174 27.03 10.67 11.96
C ASP A 174 28.03 9.57 12.29
N GLY A 175 27.70 8.32 11.94
CA GLY A 175 28.58 7.21 12.20
C GLY A 175 28.64 6.75 13.64
N ARG A 176 27.74 7.22 14.49
CA ARG A 176 27.80 6.98 15.93
C ARG A 176 26.43 6.54 16.45
N GLY A 177 26.46 5.86 17.59
CA GLY A 177 25.24 5.36 18.19
C GLY A 177 24.30 6.48 18.60
N TRP A 178 23.00 6.22 18.47
CA TRP A 178 21.99 7.24 18.74
C TRP A 178 21.90 7.57 20.23
N ARG A 179 21.94 6.56 21.09
CA ARG A 179 21.84 6.76 22.53
C ARG A 179 23.18 6.64 23.23
N SER A 180 24.27 6.49 22.49
CA SER A 180 25.58 6.36 23.10
C SER A 180 26.56 7.37 22.54
N GLY A 181 26.37 7.76 21.28
CA GLY A 181 27.32 8.63 20.61
C GLY A 181 28.67 8.01 20.35
N ALA A 182 28.80 6.70 20.48
CA ALA A 182 30.08 6.03 20.30
C ALA A 182 30.24 5.61 18.85
N LEU A 183 31.48 5.61 18.40
CA LEU A 183 31.80 5.19 17.04
C LEU A 183 31.26 3.79 16.78
N ILE A 184 30.46 3.64 15.73
CA ILE A 184 29.85 2.36 15.40
C ILE A 184 30.85 1.50 14.64
N GLU A 185 30.95 0.23 15.02
CA GLU A 185 31.79 -0.73 14.32
C GLU A 185 30.95 -1.55 13.36
N LYS A 186 31.50 -1.79 12.17
CA LYS A 186 30.91 -2.69 11.19
C LYS A 186 31.40 -4.11 11.47
N ARG A 187 30.48 -4.98 11.86
CA ARG A 187 30.80 -6.37 12.17
C ARG A 187 30.16 -7.31 11.16
N GLU A 188 30.88 -8.36 10.81
CA GLU A 188 30.34 -9.43 9.98
C GLU A 188 29.89 -10.56 10.89
N ILE A 189 28.61 -10.89 10.86
CA ILE A 189 28.07 -11.96 11.69
C ILE A 189 27.18 -12.86 10.86
N PRO A 190 27.07 -14.14 11.20
CA PRO A 190 26.21 -15.05 10.42
C PRO A 190 24.74 -14.70 10.64
N MET A 191 23.98 -14.61 9.54
CA MET A 191 22.55 -14.31 9.62
C MET A 191 21.81 -15.13 8.58
N TYR A 192 20.47 -15.12 8.67
CA TYR A 192 19.63 -15.92 7.78
C TYR A 192 18.95 -15.03 6.76
N TYR A 193 18.78 -15.58 5.56
CA TYR A 193 18.28 -14.83 4.42
C TYR A 193 17.26 -15.66 3.66
N PHE A 194 16.18 -15.01 3.22
CA PHE A 194 15.32 -15.55 2.19
C PHE A 194 15.90 -15.21 0.83
N LYS A 195 16.03 -16.22 -0.04
CA LYS A 195 16.58 -16.02 -1.38
C LYS A 195 15.51 -15.45 -2.31
N ILE A 196 15.06 -14.25 -1.98
CA ILE A 196 13.99 -13.65 -2.76
C ILE A 196 14.46 -13.29 -4.16
N THR A 197 15.78 -13.15 -4.36
CA THR A 197 16.26 -12.86 -5.70
C THR A 197 15.94 -14.00 -6.66
N ASP A 198 15.84 -15.25 -6.17
CA ASP A 198 15.43 -16.35 -7.04
C ASP A 198 14.03 -16.15 -7.62
N TYR A 199 13.21 -15.30 -7.00
CA TYR A 199 11.84 -15.08 -7.44
C TYR A 199 11.65 -13.70 -8.06
N ALA A 200 12.75 -13.01 -8.38
CA ALA A 200 12.65 -11.62 -8.84
C ALA A 200 11.80 -11.54 -10.11
N GLU A 201 12.08 -12.42 -11.07
CA GLU A 201 11.39 -12.33 -12.35
C GLU A 201 9.90 -12.61 -12.18
N GLU A 202 9.56 -13.64 -11.40
CA GLU A 202 8.16 -13.92 -11.08
C GLU A 202 7.51 -12.73 -10.37
N LEU A 203 8.17 -12.18 -9.34
CA LEU A 203 7.57 -11.07 -8.60
C LEU A 203 7.34 -9.86 -9.50
N LEU A 204 8.26 -9.63 -10.44
CA LEU A 204 8.12 -8.50 -11.34
C LEU A 204 7.02 -8.75 -12.37
N ASN A 205 7.08 -9.89 -13.05
CA ASN A 205 6.16 -10.14 -14.15
C ASN A 205 4.72 -10.29 -13.69
N ASP A 206 4.51 -10.86 -12.49
CA ASP A 206 3.14 -11.11 -12.04
C ASP A 206 2.40 -9.83 -11.67
N LEU A 207 3.11 -8.71 -11.52
CA LEU A 207 2.45 -7.43 -11.34
C LEU A 207 1.52 -7.12 -12.49
N ASP A 208 1.80 -7.64 -13.69
CA ASP A 208 0.93 -7.38 -14.83
C ASP A 208 -0.40 -8.07 -14.68
N LYS A 209 -0.50 -9.11 -13.85
CA LYS A 209 -1.77 -9.74 -13.58
C LYS A 209 -2.71 -8.82 -12.78
N LEU A 210 -2.17 -7.83 -12.06
CA LEU A 210 -2.95 -7.07 -11.08
C LEU A 210 -3.64 -5.89 -11.77
N GLU A 211 -4.64 -6.22 -12.60
CA GLU A 211 -5.31 -5.19 -13.37
C GLU A 211 -6.07 -4.20 -12.48
N HIS A 212 -6.34 -4.53 -11.21
CA HIS A 212 -7.05 -3.64 -10.31
C HIS A 212 -6.16 -3.08 -9.20
N TRP A 213 -4.88 -3.00 -9.44
CA TRP A 213 -4.04 -2.33 -8.46
C TRP A 213 -3.76 -0.91 -8.92
N PRO A 214 -3.55 0.03 -8.00
CA PRO A 214 -3.10 1.37 -8.42
C PRO A 214 -1.75 1.25 -9.13
N GLU A 215 -1.63 1.95 -10.25
CA GLU A 215 -0.40 1.87 -11.04
C GLU A 215 0.81 2.36 -10.28
N GLN A 216 0.64 3.33 -9.35
CA GLN A 216 1.83 3.81 -8.66
C GLN A 216 2.42 2.73 -7.77
N VAL A 217 1.57 1.89 -7.17
CA VAL A 217 2.08 0.83 -6.30
C VAL A 217 2.86 -0.19 -7.13
N LYS A 218 2.32 -0.57 -8.28
CA LYS A 218 3.04 -1.44 -9.20
C LYS A 218 4.36 -0.81 -9.63
N THR A 219 4.34 0.49 -9.96
CA THR A 219 5.57 1.18 -10.35
C THR A 219 6.61 1.16 -9.23
N MET A 220 6.17 1.43 -8.00
CA MET A 220 7.09 1.37 -6.87
C MET A 220 7.70 -0.01 -6.72
N GLN A 221 6.90 -1.05 -6.91
CA GLN A 221 7.45 -2.40 -6.79
C GLN A 221 8.41 -2.70 -7.94
N ARG A 222 8.08 -2.30 -9.17
CA ARG A 222 9.01 -2.52 -10.28
C ARG A 222 10.33 -1.80 -10.03
N ASN A 223 10.27 -0.55 -9.58
CA ASN A 223 11.51 0.17 -9.31
C ASN A 223 12.31 -0.46 -8.18
N TRP A 224 11.62 -1.01 -7.18
CA TRP A 224 12.34 -1.65 -6.08
C TRP A 224 13.04 -2.92 -6.54
N ILE A 225 12.35 -3.76 -7.32
CA ILE A 225 12.97 -4.95 -7.88
C ILE A 225 14.10 -4.54 -8.84
N GLY A 226 13.86 -3.52 -9.65
CA GLY A 226 14.94 -2.91 -10.42
C GLY A 226 15.66 -3.82 -11.39
N LYS A 227 14.89 -4.60 -12.17
CA LYS A 227 15.45 -5.36 -13.27
C LYS A 227 16.09 -4.44 -14.30
N SER A 228 17.24 -4.85 -14.82
CA SER A 228 17.84 -4.20 -15.98
C SER A 228 18.38 -5.25 -16.92
N ARG A 229 18.34 -4.95 -18.22
CA ARG A 229 18.95 -5.78 -19.25
C ARG A 229 20.18 -5.03 -19.72
N GLY A 230 21.36 -5.58 -19.43
CA GLY A 230 22.56 -4.88 -19.77
C GLY A 230 23.60 -5.79 -20.41
N MET A 231 24.86 -5.37 -20.31
CA MET A 231 25.97 -6.04 -20.96
C MET A 231 27.13 -6.15 -19.97
N THR A 232 27.65 -7.36 -19.78
CA THR A 232 28.95 -7.54 -19.16
C THR A 232 30.01 -7.17 -20.18
N VAL A 233 30.96 -6.32 -19.79
CA VAL A 233 32.05 -5.89 -20.68
C VAL A 233 33.37 -6.04 -19.94
N ARG A 234 34.36 -6.63 -20.60
CA ARG A 234 35.71 -6.82 -20.06
C ARG A 234 36.68 -5.90 -20.79
N PHE A 235 37.46 -5.13 -20.02
CA PHE A 235 38.54 -4.29 -20.54
C PHE A 235 39.87 -4.95 -20.20
N ALA A 236 40.67 -5.26 -21.21
CA ALA A 236 41.95 -5.89 -20.96
C ALA A 236 42.87 -4.95 -20.17
N VAL A 237 43.49 -5.48 -19.12
CA VAL A 237 44.47 -4.69 -18.37
C VAL A 237 45.69 -4.45 -19.24
N SER A 238 46.17 -3.21 -19.27
CA SER A 238 47.33 -2.88 -20.09
C SER A 238 48.58 -3.55 -19.53
N ASP A 239 49.58 -3.72 -20.39
CA ASP A 239 50.78 -4.46 -20.00
C ASP A 239 51.55 -3.76 -18.88
N ASP A 240 51.52 -2.43 -18.84
CA ASP A 240 52.23 -1.67 -17.82
C ASP A 240 51.47 -1.55 -16.50
N SER A 241 50.28 -2.14 -16.38
CA SER A 241 49.40 -1.85 -15.26
C SER A 241 49.08 -3.11 -14.44
N LYS A 242 49.86 -4.18 -14.58
CA LYS A 242 49.53 -5.46 -14.02
C LYS A 242 50.26 -5.78 -12.71
N GLN A 243 51.14 -4.91 -12.24
CA GLN A 243 51.88 -5.21 -11.02
C GLN A 243 50.93 -5.34 -9.84
N GLY A 244 51.17 -6.37 -9.02
CA GLY A 244 50.38 -6.64 -7.84
C GLY A 244 49.06 -7.35 -8.10
N LEU A 245 48.70 -7.57 -9.36
CA LEU A 245 47.41 -8.14 -9.74
C LEU A 245 47.54 -9.64 -9.97
N GLU A 246 46.53 -10.39 -9.55
CA GLU A 246 46.55 -11.83 -9.58
C GLU A 246 45.34 -12.38 -10.33
N GLY A 247 45.56 -13.48 -11.06
CA GLY A 247 44.45 -14.20 -11.66
C GLY A 247 43.74 -13.41 -12.73
N ASP A 248 42.41 -13.48 -12.73
CA ASP A 248 41.61 -12.78 -13.74
C ASP A 248 41.72 -11.28 -13.61
N TYR A 249 42.00 -10.78 -12.41
CA TYR A 249 42.19 -9.35 -12.23
C TYR A 249 43.46 -8.83 -12.89
N ALA A 250 44.44 -9.70 -13.13
CA ALA A 250 45.63 -9.31 -13.89
C ALA A 250 45.38 -9.28 -15.39
N LYS A 251 44.26 -9.83 -15.84
CA LYS A 251 44.00 -10.00 -17.26
C LYS A 251 42.98 -9.00 -17.78
N PHE A 252 41.95 -8.68 -17.01
CA PHE A 252 40.95 -7.74 -17.49
C PHE A 252 40.26 -7.09 -16.29
N LEU A 253 39.54 -6.01 -16.61
CA LEU A 253 38.62 -5.36 -15.67
C LEU A 253 37.21 -5.52 -16.21
N GLN A 254 36.34 -6.14 -15.44
CA GLN A 254 34.99 -6.44 -15.89
C GLN A 254 34.00 -5.46 -15.27
N VAL A 255 33.06 -4.98 -16.10
CA VAL A 255 32.01 -4.07 -15.63
C VAL A 255 30.68 -4.55 -16.20
N TYR A 256 29.60 -4.01 -15.63
CA TYR A 256 28.26 -4.17 -16.14
C TYR A 256 27.74 -2.80 -16.54
N THR A 257 27.11 -2.70 -17.71
CA THR A 257 26.52 -1.45 -18.18
C THR A 257 25.16 -1.72 -18.79
N THR A 258 24.21 -0.82 -18.53
CA THR A 258 22.91 -0.85 -19.19
C THR A 258 22.91 -0.05 -20.48
N ARG A 259 24.01 0.62 -20.81
CA ARG A 259 24.14 1.41 -22.03
C ARG A 259 25.33 0.93 -22.86
N PRO A 260 25.34 -0.34 -23.30
CA PRO A 260 26.45 -0.79 -24.15
C PRO A 260 26.47 -0.09 -25.50
N ASP A 261 25.38 0.60 -25.86
CA ASP A 261 25.36 1.42 -27.05
C ASP A 261 26.25 2.64 -26.95
N THR A 262 26.74 2.96 -25.75
CA THR A 262 27.63 4.09 -25.54
C THR A 262 29.07 3.67 -25.25
N LEU A 263 29.39 2.38 -25.38
CA LEU A 263 30.74 1.91 -25.05
C LEU A 263 31.80 2.62 -25.88
N MET A 264 31.46 3.09 -27.07
CA MET A 264 32.46 3.82 -27.84
C MET A 264 32.74 5.20 -27.25
N GLY A 265 31.91 5.66 -26.33
CA GLY A 265 32.09 6.97 -25.71
C GLY A 265 32.63 6.89 -24.28
N ALA A 266 33.17 5.75 -23.89
CA ALA A 266 33.74 5.62 -22.55
C ALA A 266 35.12 6.28 -22.53
N THR A 267 35.34 7.16 -21.56
CA THR A 267 36.59 7.91 -21.48
C THR A 267 37.40 7.62 -20.21
N TYR A 268 36.83 6.94 -19.23
CA TYR A 268 37.60 6.43 -18.10
C TYR A 268 36.78 5.32 -17.46
N VAL A 269 37.40 4.64 -16.51
CA VAL A 269 36.74 3.55 -15.80
C VAL A 269 36.92 3.81 -14.31
N ALA A 270 35.96 3.34 -13.50
CA ALA A 270 35.99 3.57 -12.06
C ALA A 270 35.75 2.26 -11.32
N VAL A 271 36.49 2.05 -10.22
CA VAL A 271 36.39 0.82 -9.45
C VAL A 271 36.15 1.16 -7.98
N ALA A 272 35.54 0.21 -7.27
CA ALA A 272 35.31 0.36 -5.83
C ALA A 272 36.64 0.38 -5.07
N ALA A 273 36.59 0.96 -3.87
CA ALA A 273 37.79 1.04 -3.04
C ALA A 273 38.35 -0.34 -2.67
N GLU A 274 37.48 -1.34 -2.55
CA GLU A 274 37.92 -2.70 -2.24
C GLU A 274 38.29 -3.51 -3.49
N HIS A 275 38.18 -2.92 -4.68
CA HIS A 275 38.48 -3.64 -5.89
C HIS A 275 39.97 -3.96 -5.96
N PRO A 276 40.35 -5.16 -6.38
CA PRO A 276 41.78 -5.53 -6.40
C PRO A 276 42.67 -4.58 -7.19
N LEU A 277 42.14 -3.87 -8.19
CA LEU A 277 42.96 -2.86 -8.86
C LEU A 277 43.21 -1.68 -7.94
N ALA A 278 42.21 -1.30 -7.14
CA ALA A 278 42.39 -0.22 -6.18
C ALA A 278 43.48 -0.56 -5.19
N THR A 279 43.39 -1.75 -4.56
CA THR A 279 44.38 -2.13 -3.57
C THR A 279 45.77 -2.28 -4.17
N ALA A 280 45.86 -2.70 -5.44
CA ALA A 280 47.18 -2.86 -6.06
C ALA A 280 47.81 -1.52 -6.42
N ALA A 281 47.01 -0.52 -6.80
CA ALA A 281 47.59 0.78 -7.11
C ALA A 281 47.89 1.57 -5.84
N ALA A 282 47.17 1.29 -4.77
CA ALA A 282 47.42 1.95 -3.50
C ALA A 282 48.56 1.32 -2.72
N ALA A 283 49.34 0.42 -3.32
CA ALA A 283 50.43 -0.23 -2.59
C ALA A 283 51.53 0.77 -2.24
N ASP A 284 51.90 1.63 -3.17
CA ASP A 284 52.94 2.62 -2.94
C ASP A 284 52.39 4.03 -2.90
N LYS A 285 51.07 4.20 -2.90
CA LYS A 285 50.43 5.52 -2.95
C LYS A 285 49.65 5.81 -1.69
N PRO A 286 50.23 6.53 -0.71
CA PRO A 286 49.50 6.84 0.52
C PRO A 286 48.24 7.67 0.31
N GLU A 287 48.13 8.42 -0.78
CA GLU A 287 46.92 9.19 -1.02
C GLU A 287 45.75 8.30 -1.39
N LEU A 288 46.02 7.23 -2.14
CA LEU A 288 44.98 6.27 -2.45
C LEU A 288 44.61 5.45 -1.21
N GLN A 289 45.58 5.14 -0.35
CA GLN A 289 45.25 4.46 0.90
C GLN A 289 44.31 5.31 1.74
N ALA A 290 44.57 6.61 1.82
CA ALA A 290 43.71 7.50 2.61
C ALA A 290 42.32 7.59 1.99
N PHE A 291 42.25 7.54 0.65
CA PHE A 291 40.95 7.65 -0.01
C PHE A 291 40.14 6.39 0.16
N ILE A 292 40.80 5.23 0.07
CA ILE A 292 40.14 3.95 0.31
C ILE A 292 39.59 3.88 1.74
N ALA A 293 40.36 4.37 2.71
CA ALA A 293 39.91 4.31 4.11
C ALA A 293 38.71 5.23 4.34
N GLU A 294 38.71 6.40 3.70
CA GLU A 294 37.54 7.29 3.81
C GLU A 294 36.30 6.64 3.22
N CYS A 295 36.47 5.90 2.11
CA CYS A 295 35.34 5.20 1.51
C CYS A 295 34.79 4.13 2.45
N LYS A 296 35.67 3.32 3.04
CA LYS A 296 35.21 2.27 3.95
C LYS A 296 34.54 2.86 5.19
N ALA A 297 34.95 4.07 5.60
CA ALA A 297 34.34 4.76 6.73
C ALA A 297 33.18 5.66 6.31
N GLY A 298 32.35 5.21 5.37
CA GLY A 298 31.20 5.99 4.94
C GLY A 298 29.93 5.15 4.98
N SER A 299 28.80 5.83 4.77
CA SER A 299 27.50 5.18 4.75
C SER A 299 27.17 4.74 3.32
N VAL A 300 27.11 3.43 3.11
CA VAL A 300 26.72 2.90 1.81
C VAL A 300 25.22 2.97 1.56
N ALA A 301 24.46 3.58 2.48
CA ALA A 301 23.02 3.69 2.32
C ALA A 301 22.66 4.53 1.10
N GLU A 302 21.68 4.06 0.32
CA GLU A 302 21.27 4.79 -0.87
C GLU A 302 20.74 6.17 -0.52
N ALA A 303 20.15 6.33 0.68
CA ALA A 303 19.66 7.64 1.10
C ALA A 303 20.80 8.65 1.22
N ASP A 304 21.94 8.23 1.73
CA ASP A 304 23.09 9.11 1.88
C ASP A 304 23.88 9.25 0.59
N MET A 305 23.84 8.25 -0.30
CA MET A 305 24.73 8.22 -1.46
C MET A 305 24.25 9.13 -2.58
N ALA A 306 22.93 9.21 -2.80
CA ALA A 306 22.42 10.16 -3.79
C ALA A 306 22.73 11.59 -3.38
N THR A 307 22.78 11.86 -2.07
CA THR A 307 23.15 13.16 -1.55
C THR A 307 24.65 13.29 -1.32
N MET A 308 25.43 12.28 -1.68
CA MET A 308 26.86 12.23 -1.41
C MET A 308 27.66 12.95 -2.51
N GLU A 309 28.66 13.73 -2.08
CA GLU A 309 29.59 14.33 -3.02
C GLU A 309 30.43 13.23 -3.67
N LYS A 310 30.36 13.13 -4.99
CA LYS A 310 31.06 12.05 -5.68
C LYS A 310 32.53 12.42 -5.86
N LYS A 311 33.42 11.59 -5.34
CA LYS A 311 34.85 11.88 -5.37
C LYS A 311 35.59 10.69 -5.96
N GLY A 312 36.83 10.94 -6.38
CA GLY A 312 37.65 9.90 -6.93
C GLY A 312 39.10 10.32 -6.98
N VAL A 313 39.97 9.33 -7.12
CA VAL A 313 41.41 9.55 -7.31
C VAL A 313 41.88 8.69 -8.48
N PRO A 314 42.81 9.18 -9.29
CA PRO A 314 43.35 8.33 -10.37
C PRO A 314 44.37 7.33 -9.85
N THR A 315 44.42 6.17 -10.51
CA THR A 315 45.24 5.06 -10.05
C THR A 315 46.57 4.90 -10.80
N GLY A 316 46.73 5.55 -11.95
CA GLY A 316 47.90 5.28 -12.75
C GLY A 316 47.88 3.95 -13.48
N ARG A 317 46.84 3.14 -13.31
CA ARG A 317 46.65 1.90 -14.06
C ARG A 317 45.70 2.15 -15.23
N TYR A 318 45.83 1.32 -16.27
CA TYR A 318 45.10 1.55 -17.52
C TYR A 318 44.51 0.26 -18.07
N VAL A 319 43.32 0.37 -18.66
CA VAL A 319 42.68 -0.75 -19.33
C VAL A 319 42.29 -0.30 -20.73
N VAL A 320 41.92 -1.26 -21.56
CA VAL A 320 41.73 -1.03 -22.98
C VAL A 320 40.29 -1.32 -23.36
N ASN A 321 39.64 -0.35 -23.99
CA ASN A 321 38.31 -0.52 -24.55
C ASN A 321 38.32 -1.59 -25.63
N PRO A 322 37.56 -2.69 -25.48
CA PRO A 322 37.65 -3.78 -26.45
C PRO A 322 37.03 -3.45 -27.81
N LEU A 323 36.30 -2.34 -27.94
CA LEU A 323 35.65 -1.99 -29.20
C LEU A 323 36.46 -1.02 -30.05
N ASN A 324 37.08 0.01 -29.45
CA ASN A 324 37.85 0.98 -30.21
C ASN A 324 39.34 1.00 -29.85
N GLY A 325 39.77 0.14 -28.93
CA GLY A 325 41.18 0.09 -28.55
C GLY A 325 41.70 1.23 -27.70
N ASP A 326 40.84 2.14 -27.22
CA ASP A 326 41.32 3.25 -26.40
C ASP A 326 41.87 2.74 -25.06
N LYS A 327 42.94 3.37 -24.59
CA LYS A 327 43.51 3.08 -23.28
C LYS A 327 42.90 4.05 -22.27
N LEU A 328 42.16 3.52 -21.31
CA LEU A 328 41.43 4.32 -20.35
C LEU A 328 42.05 4.15 -18.96
N GLU A 329 42.23 5.26 -18.25
CA GLU A 329 42.74 5.21 -16.90
C GLU A 329 41.67 4.73 -15.94
N VAL A 330 42.09 3.92 -14.96
CA VAL A 330 41.25 3.47 -13.87
C VAL A 330 41.28 4.51 -12.75
N TRP A 331 40.11 4.90 -12.27
CA TRP A 331 39.96 5.73 -11.08
C TRP A 331 39.34 4.91 -9.96
N ILE A 332 39.74 5.20 -8.74
CA ILE A 332 38.99 4.75 -7.56
C ILE A 332 37.94 5.80 -7.26
N ALA A 333 36.70 5.36 -7.04
CA ALA A 333 35.59 6.30 -6.88
C ALA A 333 34.69 5.86 -5.74
N ASN A 334 34.22 6.83 -4.96
CA ASN A 334 33.45 6.52 -3.75
C ASN A 334 32.03 6.09 -4.04
N TYR A 335 31.53 6.25 -5.27
CA TYR A 335 30.18 5.84 -5.60
C TYR A 335 30.10 4.41 -6.14
N VAL A 336 31.22 3.75 -6.37
CA VAL A 336 31.22 2.36 -6.84
C VAL A 336 31.28 1.45 -5.63
N LEU A 337 30.30 0.56 -5.49
CA LEU A 337 30.12 -0.23 -4.29
C LEU A 337 30.53 -1.68 -4.50
N TRP A 338 31.37 -2.19 -3.61
CA TRP A 338 31.84 -3.57 -3.67
C TRP A 338 30.73 -4.52 -3.22
N GLY A 339 30.53 -5.58 -3.99
CA GLY A 339 29.45 -6.52 -3.77
C GLY A 339 28.28 -6.37 -4.72
N TYR A 340 28.12 -5.20 -5.36
CA TYR A 340 27.04 -5.01 -6.33
C TYR A 340 27.59 -5.34 -7.72
N GLY A 341 27.64 -6.64 -7.99
CA GLY A 341 28.16 -7.10 -9.27
C GLY A 341 29.67 -7.05 -9.28
N ASP A 342 30.22 -6.42 -10.31
CA ASP A 342 31.65 -6.46 -10.56
C ASP A 342 32.44 -5.53 -9.65
N GLY A 343 31.80 -4.54 -9.03
CA GLY A 343 32.55 -3.56 -8.27
C GLY A 343 33.33 -2.58 -9.13
N ALA A 344 32.87 -2.35 -10.36
CA ALA A 344 33.59 -1.52 -11.32
C ALA A 344 32.62 -1.14 -12.42
N VAL A 345 32.75 0.07 -12.94
CA VAL A 345 31.83 0.57 -13.95
C VAL A 345 32.62 1.33 -15.00
N MET A 346 32.06 1.44 -16.19
CA MET A 346 32.64 2.35 -17.15
C MET A 346 31.97 3.71 -17.01
N ALA A 347 32.65 4.74 -17.47
CA ALA A 347 32.10 6.09 -17.38
C ALA A 347 31.99 6.68 -18.77
N VAL A 348 30.80 7.21 -19.07
CA VAL A 348 30.52 7.85 -20.36
C VAL A 348 29.98 9.23 -20.05
N PRO A 349 30.83 10.23 -19.86
CA PRO A 349 30.34 11.53 -19.35
C PRO A 349 29.38 12.22 -20.29
N ALA A 350 29.49 12.00 -21.61
CA ALA A 350 28.60 12.68 -22.54
C ALA A 350 27.16 12.21 -22.46
N HIS A 351 26.87 11.07 -21.81
CA HIS A 351 25.51 10.55 -21.84
C HIS A 351 25.04 9.96 -20.50
N ASP A 352 25.70 10.30 -19.38
CA ASP A 352 25.25 9.89 -18.05
C ASP A 352 25.50 11.05 -17.10
N GLU A 353 24.44 11.50 -16.42
CA GLU A 353 24.52 12.75 -15.68
C GLU A 353 25.58 12.69 -14.58
N ARG A 354 25.62 11.60 -13.82
CA ARG A 354 26.65 11.45 -12.79
C ARG A 354 28.05 11.50 -13.38
N ASP A 355 28.28 10.74 -14.46
CA ASP A 355 29.59 10.77 -15.11
C ASP A 355 29.92 12.16 -15.62
N PHE A 356 28.92 12.90 -16.11
CA PHE A 356 29.18 14.24 -16.61
C PHE A 356 29.68 15.15 -15.49
N GLU A 357 29.08 15.06 -14.29
CA GLU A 357 29.49 15.94 -13.21
C GLU A 357 30.85 15.53 -12.65
N PHE A 358 31.05 14.22 -12.45
CA PHE A 358 32.37 13.70 -12.08
C PHE A 358 33.43 14.18 -13.07
N ALA A 359 33.15 14.09 -14.36
CA ALA A 359 34.13 14.50 -15.35
C ALA A 359 34.27 16.02 -15.43
N ALA A 360 33.21 16.77 -15.10
CA ALA A 360 33.35 18.22 -15.04
C ALA A 360 34.14 18.64 -13.81
N LYS A 361 34.14 17.84 -12.76
CA LYS A 361 34.93 18.18 -11.58
C LYS A 361 36.41 17.97 -11.86
N TYR A 362 36.77 16.83 -12.43
CA TYR A 362 38.17 16.47 -12.66
C TYR A 362 38.63 16.75 -14.09
N ASN A 363 37.81 17.46 -14.87
CA ASN A 363 38.10 17.80 -16.26
C ASN A 363 38.52 16.57 -17.05
N LEU A 364 37.72 15.55 -16.98
CA LEU A 364 37.89 14.33 -17.74
C LEU A 364 37.17 14.43 -19.08
N PRO A 365 37.64 13.70 -20.10
CA PRO A 365 37.08 13.86 -21.44
C PRO A 365 35.61 13.46 -21.52
N LYS A 366 34.90 14.13 -22.41
CA LYS A 366 33.50 13.81 -22.71
C LYS A 366 33.40 13.62 -24.22
N LYS A 367 32.97 12.42 -24.63
CA LYS A 367 32.98 12.02 -26.04
C LYS A 367 31.55 11.65 -26.44
N GLN A 368 30.95 12.50 -27.25
CA GLN A 368 29.59 12.26 -27.73
C GLN A 368 29.57 11.10 -28.71
N VAL A 369 28.75 10.09 -28.41
CA VAL A 369 28.53 8.99 -29.34
C VAL A 369 27.06 8.81 -29.69
N ILE A 370 26.17 9.67 -29.21
CA ILE A 370 24.75 9.57 -29.48
C ILE A 370 24.22 10.95 -29.84
N ALA A 371 23.48 11.04 -30.93
CA ALA A 371 22.84 12.28 -31.34
C ALA A 371 21.33 12.08 -31.36
N VAL A 372 20.61 13.09 -30.89
CA VAL A 372 19.15 13.07 -30.91
C VAL A 372 18.65 14.15 -31.86
N GLY A 373 18.45 13.78 -33.12
CA GLY A 373 17.94 14.73 -34.11
C GLY A 373 18.98 15.77 -34.46
N ASP A 374 18.56 17.03 -34.48
CA ASP A 374 19.44 18.16 -34.74
C ASP A 374 19.84 18.89 -33.45
N ASN A 375 19.66 18.25 -32.29
CA ASN A 375 19.89 18.91 -31.01
C ASN A 375 21.37 19.28 -30.83
N ALA A 376 21.60 20.44 -30.21
CA ALA A 376 22.94 20.94 -30.00
C ALA A 376 23.58 20.26 -28.80
N PHE A 377 24.82 19.80 -28.97
CA PHE A 377 25.56 19.14 -27.90
C PHE A 377 26.70 20.05 -27.44
N ASP A 378 26.71 20.38 -26.15
CA ASP A 378 27.76 21.20 -25.55
C ASP A 378 28.38 20.42 -24.41
N ALA A 379 29.68 20.14 -24.51
CA ALA A 379 30.38 19.37 -23.50
C ALA A 379 30.47 20.08 -22.16
N ASN A 380 30.09 21.36 -22.08
CA ASN A 380 30.22 22.12 -20.84
C ASN A 380 28.89 22.33 -20.13
N ARG A 381 27.81 21.69 -20.59
CA ARG A 381 26.52 21.79 -19.93
C ARG A 381 25.75 20.50 -20.19
N TRP A 382 25.24 19.89 -19.13
CA TRP A 382 24.43 18.69 -19.27
C TRP A 382 23.01 19.04 -19.70
N GLN A 383 22.51 18.34 -20.71
CA GLN A 383 21.13 18.49 -21.17
C GLN A 383 20.43 17.15 -21.05
N GLU A 384 19.12 17.20 -20.78
CA GLU A 384 18.37 15.97 -20.50
C GLU A 384 18.41 15.00 -21.67
N TRP A 385 18.49 15.51 -22.91
CA TRP A 385 18.52 14.62 -24.07
C TRP A 385 19.83 13.87 -24.20
N TYR A 386 20.87 14.28 -23.47
CA TYR A 386 22.14 13.54 -23.49
C TYR A 386 21.94 12.08 -23.11
N GLY A 387 21.02 11.80 -22.19
CA GLY A 387 20.74 10.46 -21.75
C GLY A 387 19.55 9.80 -22.40
N ASP A 388 18.90 10.47 -23.34
CA ASP A 388 17.71 9.90 -23.98
C ASP A 388 18.07 8.57 -24.64
N LYS A 389 17.42 7.51 -24.18
CA LYS A 389 17.68 6.18 -24.71
C LYS A 389 16.74 5.81 -25.86
N GLU A 390 15.66 6.57 -26.04
CA GLU A 390 14.58 6.12 -26.92
C GLU A 390 14.60 6.77 -28.30
N ASN A 391 15.21 7.96 -28.45
CA ASN A 391 15.11 8.69 -29.70
C ASN A 391 16.47 9.06 -30.28
N GLY A 392 17.51 8.29 -29.95
CA GLY A 392 18.85 8.59 -30.42
C GLY A 392 19.41 7.64 -31.47
N VAL A 393 20.43 8.11 -32.19
CA VAL A 393 21.24 7.26 -33.05
C VAL A 393 22.71 7.49 -32.72
N LEU A 394 23.53 6.51 -33.07
CA LEU A 394 24.94 6.51 -32.70
C LEU A 394 25.76 7.32 -33.69
N VAL A 395 26.58 8.22 -33.16
CA VAL A 395 27.60 8.93 -33.91
C VAL A 395 28.96 8.51 -33.37
N ASN A 396 29.98 8.69 -34.20
CA ASN A 396 31.36 8.42 -33.80
C ASN A 396 31.52 7.00 -33.28
N SER A 397 30.97 6.03 -34.02
CA SER A 397 30.97 4.66 -33.52
C SER A 397 31.31 3.63 -34.60
N GLY A 398 32.04 4.01 -35.66
CA GLY A 398 32.47 3.03 -36.62
C GLY A 398 31.29 2.41 -37.35
N ASP A 399 31.32 1.09 -37.52
CA ASP A 399 30.24 0.40 -38.22
C ASP A 399 28.94 0.33 -37.42
N LEU A 400 28.91 0.89 -36.20
CA LEU A 400 27.69 1.04 -35.42
C LEU A 400 26.97 2.36 -35.69
N ASP A 401 27.53 3.23 -36.52
CA ASP A 401 26.94 4.56 -36.71
C ASP A 401 25.52 4.47 -37.25
N GLY A 402 24.63 5.27 -36.67
CA GLY A 402 23.27 5.43 -37.18
C GLY A 402 22.24 4.49 -36.58
N LEU A 403 22.65 3.52 -35.78
CA LEU A 403 21.70 2.58 -35.23
C LEU A 403 20.97 3.21 -34.04
N ASP A 404 19.78 2.69 -33.73
CA ASP A 404 19.06 3.10 -32.54
C ASP A 404 19.62 2.32 -31.34
N PHE A 405 19.00 2.52 -30.17
CA PHE A 405 19.48 1.88 -28.95
C PHE A 405 19.47 0.35 -29.09
N GLN A 406 18.32 -0.23 -29.39
CA GLN A 406 18.21 -1.69 -29.35
C GLN A 406 19.09 -2.34 -30.41
N THR A 407 19.14 -1.78 -31.62
CA THR A 407 19.97 -2.37 -32.67
C THR A 407 21.45 -2.29 -32.30
N ALA A 408 21.88 -1.13 -31.78
CA ALA A 408 23.27 -1.00 -31.33
C ALA A 408 23.57 -1.96 -30.19
N PHE A 409 22.60 -2.13 -29.27
CA PHE A 409 22.75 -3.06 -28.16
C PHE A 409 23.04 -4.46 -28.67
N ASP A 410 22.23 -4.94 -29.62
CA ASP A 410 22.40 -6.27 -30.19
C ASP A 410 23.65 -6.36 -31.05
N ALA A 411 24.02 -5.29 -31.75
CA ALA A 411 25.27 -5.34 -32.51
C ALA A 411 26.48 -5.37 -31.59
N VAL A 412 26.47 -4.57 -30.51
CA VAL A 412 27.58 -4.62 -29.58
C VAL A 412 27.68 -5.99 -28.94
N ALA A 413 26.54 -6.60 -28.62
CA ALA A 413 26.55 -7.94 -28.04
C ALA A 413 27.19 -8.95 -28.99
N ALA A 414 26.88 -8.87 -30.28
CA ALA A 414 27.45 -9.83 -31.21
C ALA A 414 28.96 -9.63 -31.35
N LYS A 415 29.40 -8.37 -31.44
CA LYS A 415 30.83 -8.08 -31.55
C LYS A 415 31.60 -8.50 -30.29
N LEU A 416 31.09 -8.14 -29.10
CA LEU A 416 31.77 -8.52 -27.87
C LEU A 416 31.85 -10.03 -27.72
N GLN A 417 30.75 -10.73 -28.02
CA GLN A 417 30.77 -12.18 -27.91
C GLN A 417 31.76 -12.80 -28.90
N SER A 418 31.87 -12.24 -30.10
CA SER A 418 32.82 -12.80 -31.07
C SER A 418 34.26 -12.66 -30.58
N GLN A 419 34.56 -11.60 -29.84
CA GLN A 419 35.88 -11.41 -29.28
C GLN A 419 36.04 -12.01 -27.88
N GLY A 420 35.00 -12.64 -27.34
CA GLY A 420 35.07 -13.10 -25.96
C GLY A 420 35.21 -12.00 -24.92
N ALA A 421 34.92 -10.76 -25.29
CA ALA A 421 35.07 -9.60 -24.41
C ALA A 421 33.79 -9.17 -23.70
N GLY A 422 32.66 -9.86 -23.91
CA GLY A 422 31.45 -9.53 -23.17
C GLY A 422 30.27 -10.37 -23.64
N GLU A 423 29.15 -10.21 -22.92
CA GLU A 423 27.93 -10.95 -23.23
C GLU A 423 26.75 -10.30 -22.52
N PRO A 424 25.52 -10.50 -23.02
CA PRO A 424 24.36 -9.92 -22.34
C PRO A 424 24.19 -10.49 -20.94
N LYS A 425 23.62 -9.69 -20.05
CA LYS A 425 23.39 -10.13 -18.69
C LYS A 425 22.24 -9.32 -18.09
N THR A 426 21.39 -10.01 -17.35
CA THR A 426 20.30 -9.40 -16.59
C THR A 426 20.73 -9.27 -15.14
N GLN A 427 20.54 -8.08 -14.56
CA GLN A 427 20.78 -7.85 -13.15
C GLN A 427 19.54 -7.25 -12.50
N TYR A 428 19.47 -7.34 -11.19
CA TYR A 428 18.38 -6.76 -10.41
C TYR A 428 18.96 -5.98 -9.25
N ARG A 429 18.35 -4.82 -8.94
CA ARG A 429 18.75 -4.14 -7.71
C ARG A 429 18.28 -4.90 -6.47
N LEU A 430 17.22 -5.70 -6.57
CA LEU A 430 16.71 -6.49 -5.44
C LEU A 430 17.83 -7.28 -4.77
N ARG A 431 17.89 -7.22 -3.45
CA ARG A 431 18.82 -8.03 -2.67
C ARG A 431 18.05 -9.07 -1.86
N ASP A 432 18.77 -10.08 -1.36
CA ASP A 432 18.07 -11.09 -0.58
C ASP A 432 17.58 -10.49 0.73
N TRP A 433 16.59 -11.15 1.33
CA TRP A 433 15.84 -10.61 2.46
C TRP A 433 16.47 -11.12 3.76
N GLY A 434 17.13 -10.22 4.51
CA GLY A 434 17.77 -10.58 5.77
C GLY A 434 16.76 -10.67 6.91
N ILE A 435 16.70 -11.85 7.55
CA ILE A 435 15.65 -12.28 8.48
C ILE A 435 16.05 -12.05 9.94
N SER A 436 17.36 -12.08 10.21
CA SER A 436 17.84 -12.12 11.59
C SER A 436 17.74 -10.76 12.28
N ARG A 437 17.18 -10.76 13.47
CA ARG A 437 17.12 -9.60 14.35
C ARG A 437 17.71 -10.02 15.69
N GLN A 438 18.64 -9.21 16.21
CA GLN A 438 19.22 -9.46 17.51
C GLN A 438 18.35 -8.78 18.57
N ARG A 439 17.11 -9.28 18.66
CA ARG A 439 16.07 -8.71 19.50
C ARG A 439 15.30 -9.85 20.14
N TYR A 440 14.71 -9.58 21.31
CA TYR A 440 13.99 -10.60 22.06
C TYR A 440 12.54 -10.79 21.59
N TRP A 441 11.77 -9.70 21.45
CA TRP A 441 10.32 -9.83 21.23
C TRP A 441 10.06 -10.05 19.75
N GLY A 442 10.18 -11.31 19.33
CA GLY A 442 10.05 -11.72 17.94
C GLY A 442 10.06 -13.24 17.87
N CYS A 443 9.71 -13.75 16.70
CA CYS A 443 9.60 -15.20 16.52
C CYS A 443 10.99 -15.84 16.57
N PRO A 444 11.21 -16.83 17.43
CA PRO A 444 12.52 -17.51 17.44
C PRO A 444 12.78 -18.25 16.13
N ILE A 445 14.05 -18.24 15.73
CA ILE A 445 14.52 -18.93 14.53
C ILE A 445 14.71 -20.40 14.85
N PRO A 446 14.05 -21.30 14.12
CA PRO A 446 14.04 -22.73 14.50
C PRO A 446 15.28 -23.47 14.01
N ILE A 447 16.44 -23.03 14.50
CA ILE A 447 17.73 -23.61 14.15
C ILE A 447 18.43 -24.01 15.45
N VAL A 448 19.09 -25.16 15.44
CA VAL A 448 19.92 -25.62 16.54
C VAL A 448 21.35 -25.73 16.01
N HIS A 449 22.30 -25.21 16.77
CA HIS A 449 23.72 -25.20 16.38
C HIS A 449 24.41 -26.33 17.12
N CYS A 450 24.94 -27.29 16.36
CA CYS A 450 25.63 -28.44 16.90
C CYS A 450 27.04 -28.46 16.34
N GLU A 451 28.02 -28.64 17.22
CA GLU A 451 29.41 -28.64 16.78
C GLU A 451 29.74 -29.81 15.87
N LYS A 452 28.92 -30.86 15.84
CA LYS A 452 29.14 -31.97 14.93
C LYS A 452 28.27 -31.87 13.67
N CYS A 453 27.01 -31.51 13.80
CA CYS A 453 26.14 -31.48 12.63
C CYS A 453 26.05 -30.12 11.95
N GLY A 454 26.47 -29.04 12.61
CA GLY A 454 26.31 -27.72 12.03
C GLY A 454 25.02 -27.02 12.39
N ASN A 455 24.44 -26.27 11.45
CA ASN A 455 23.19 -25.55 11.65
C ASN A 455 22.04 -26.45 11.22
N VAL A 456 21.25 -26.89 12.18
CA VAL A 456 20.26 -27.95 12.00
C VAL A 456 18.88 -27.38 12.22
N PRO A 457 17.91 -27.62 11.34
CA PRO A 457 16.56 -27.12 11.57
C PRO A 457 15.85 -27.97 12.60
N VAL A 458 14.96 -27.33 13.35
CA VAL A 458 14.17 -28.07 14.34
C VAL A 458 13.14 -28.92 13.61
N PRO A 459 13.02 -30.21 13.94
CA PRO A 459 12.03 -31.07 13.27
C PRO A 459 10.62 -30.57 13.49
N ALA A 460 9.75 -30.86 12.50
CA ALA A 460 8.39 -30.34 12.52
C ALA A 460 7.62 -30.80 13.75
N ASP A 461 7.87 -32.02 14.24
CA ASP A 461 7.20 -32.52 15.45
C ASP A 461 7.57 -31.72 16.69
N GLN A 462 8.69 -31.01 16.67
CA GLN A 462 9.16 -30.26 17.83
C GLN A 462 8.88 -28.78 17.71
N LEU A 463 8.14 -28.34 16.66
CA LEU A 463 7.76 -26.94 16.58
C LEU A 463 6.42 -26.75 17.30
N PRO A 464 6.21 -25.59 17.91
CA PRO A 464 7.09 -24.40 17.89
C PRO A 464 8.30 -24.46 18.82
N VAL A 465 9.37 -23.76 18.47
CA VAL A 465 10.37 -23.31 19.44
C VAL A 465 9.76 -22.10 20.14
N VAL A 466 9.44 -22.25 21.43
CA VAL A 466 8.57 -21.29 22.10
C VAL A 466 9.38 -20.15 22.67
N LEU A 467 8.95 -18.93 22.42
CA LEU A 467 9.62 -17.77 23.03
C LEU A 467 9.18 -17.65 24.49
N PRO A 468 10.09 -17.58 25.45
CA PRO A 468 9.68 -17.38 26.85
C PRO A 468 9.12 -15.97 27.04
N GLU A 469 7.96 -15.88 27.71
CA GLU A 469 7.29 -14.60 27.90
C GLU A 469 7.62 -13.93 29.22
N ASN A 470 8.30 -14.63 30.13
CA ASN A 470 8.68 -14.13 31.45
C ASN A 470 9.96 -13.31 31.40
N VAL A 471 10.03 -12.32 30.51
CA VAL A 471 11.30 -11.65 30.22
C VAL A 471 11.09 -10.15 30.20
N VAL A 472 11.99 -9.42 30.84
CA VAL A 472 12.02 -7.98 30.80
C VAL A 472 13.36 -7.55 30.23
N PRO A 473 13.42 -7.20 28.94
CA PRO A 473 14.70 -6.78 28.35
C PRO A 473 15.09 -5.39 28.84
N ASP A 474 16.35 -5.03 28.60
CA ASP A 474 16.86 -3.73 29.01
C ASP A 474 17.96 -3.20 28.08
N GLY A 475 17.93 -3.57 26.81
CA GLY A 475 18.85 -3.01 25.83
C GLY A 475 20.29 -3.45 25.94
N MET A 476 20.70 -4.05 27.06
CA MET A 476 22.05 -4.57 27.23
C MET A 476 22.28 -5.88 26.46
N GLY A 477 21.75 -5.99 25.25
CA GLY A 477 21.80 -7.20 24.47
C GLY A 477 20.54 -8.04 24.61
N SER A 478 20.34 -8.96 23.67
CA SER A 478 19.15 -9.81 23.69
C SER A 478 19.18 -10.73 24.92
N PRO A 479 18.12 -10.77 25.72
CA PRO A 479 18.12 -11.66 26.90
C PRO A 479 18.10 -13.14 26.55
N LEU A 480 17.69 -13.52 25.34
CA LEU A 480 17.70 -14.93 24.97
C LEU A 480 19.11 -15.51 25.02
N ALA A 481 20.11 -14.73 24.57
CA ALA A 481 21.50 -15.17 24.65
C ALA A 481 22.04 -15.23 26.09
N LYS A 482 21.24 -14.83 27.09
CA LYS A 482 21.63 -14.91 28.49
C LYS A 482 20.76 -15.87 29.29
N MET A 483 19.91 -16.65 28.63
CA MET A 483 19.00 -17.59 29.28
C MET A 483 19.38 -19.00 28.86
N PRO A 484 20.28 -19.66 29.58
CA PRO A 484 20.62 -21.04 29.20
C PRO A 484 19.44 -21.97 29.24
N GLU A 485 18.43 -21.72 30.09
CA GLU A 485 17.24 -22.54 30.06
C GLU A 485 16.48 -22.42 28.74
N PHE A 486 16.82 -21.43 27.91
CA PHE A 486 16.32 -21.37 26.55
C PHE A 486 17.33 -21.95 25.55
N TYR A 487 18.57 -21.48 25.54
CA TYR A 487 19.44 -21.84 24.41
C TYR A 487 20.12 -23.19 24.57
N GLU A 488 20.24 -23.73 25.79
CA GLU A 488 20.78 -25.07 25.97
C GLU A 488 19.77 -26.13 25.56
N THR A 489 20.18 -27.03 24.66
CA THR A 489 19.26 -28.05 24.14
C THR A 489 20.11 -29.24 23.67
N SER A 490 19.45 -30.22 23.05
CA SER A 490 20.15 -31.35 22.44
C SER A 490 20.03 -31.24 20.93
N CYS A 491 20.99 -31.82 20.20
CA CYS A 491 20.94 -31.77 18.75
C CYS A 491 19.86 -32.72 18.24
N PRO A 492 18.95 -32.26 17.37
CA PRO A 492 17.91 -33.17 16.84
C PRO A 492 18.43 -34.23 15.87
N CYS A 493 19.67 -34.10 15.39
CA CYS A 493 20.26 -35.06 14.46
C CYS A 493 21.11 -36.12 15.16
N CYS A 494 21.90 -35.72 16.16
CA CYS A 494 22.81 -36.63 16.83
C CYS A 494 22.54 -36.79 18.32
N GLY A 495 21.70 -35.94 18.92
CA GLY A 495 21.40 -36.03 20.33
C GLY A 495 22.40 -35.38 21.27
N GLY A 496 23.55 -34.91 20.77
CA GLY A 496 24.54 -34.30 21.63
C GLY A 496 24.11 -32.90 22.08
N ALA A 497 24.88 -32.36 23.03
CA ALA A 497 24.62 -31.01 23.52
C ALA A 497 24.73 -29.99 22.39
N ALA A 498 23.83 -29.01 22.39
CA ALA A 498 23.80 -28.04 21.31
C ALA A 498 23.16 -26.74 21.81
N LYS A 499 23.12 -25.73 20.95
CA LYS A 499 22.68 -24.39 21.33
C LYS A 499 21.66 -23.88 20.33
N ARG A 500 20.50 -23.43 20.84
CA ARG A 500 19.50 -22.81 19.97
C ARG A 500 20.00 -21.48 19.44
N GLU A 501 19.70 -21.20 18.17
CA GLU A 501 19.80 -19.84 17.67
C GLU A 501 19.04 -18.89 18.59
N THR A 502 19.65 -17.75 18.93
CA THR A 502 18.98 -16.79 19.80
C THR A 502 18.50 -15.53 19.07
N ASP A 503 18.86 -15.33 17.80
CA ASP A 503 18.22 -14.27 17.02
C ASP A 503 16.75 -14.61 16.73
N THR A 504 15.93 -13.58 16.52
CA THR A 504 14.52 -13.73 16.17
C THR A 504 14.27 -13.17 14.77
N MET A 505 13.07 -13.39 14.27
CA MET A 505 12.75 -13.08 12.88
C MET A 505 12.29 -11.63 12.70
N ASP A 506 12.73 -11.02 11.60
CA ASP A 506 12.12 -9.82 11.06
C ASP A 506 10.60 -9.93 11.18
N THR A 507 9.97 -8.96 11.86
CA THR A 507 8.54 -9.10 12.13
C THR A 507 7.68 -8.87 10.88
N PHE A 508 8.26 -8.40 9.79
CA PHE A 508 7.56 -8.48 8.51
C PHE A 508 7.12 -9.91 8.18
N ILE A 509 7.77 -10.92 8.77
CA ILE A 509 7.39 -12.30 8.45
C ILE A 509 5.94 -12.59 8.89
N GLU A 510 5.54 -12.14 10.09
CA GLU A 510 4.17 -12.40 10.52
C GLU A 510 3.16 -11.78 9.57
N SER A 511 3.39 -10.55 9.10
CA SER A 511 2.43 -9.93 8.19
C SER A 511 2.55 -10.41 6.76
N SER A 512 3.48 -11.32 6.44
CA SER A 512 3.57 -11.83 5.08
C SER A 512 2.63 -12.99 4.79
N TRP A 513 1.91 -13.50 5.79
CA TRP A 513 1.01 -14.62 5.52
C TRP A 513 -0.23 -14.62 6.42
N TYR A 514 -0.47 -13.58 7.21
CA TYR A 514 -1.61 -13.63 8.15
C TYR A 514 -2.95 -13.68 7.43
N PHE A 515 -3.00 -13.16 6.21
CA PHE A 515 -4.24 -13.18 5.43
C PHE A 515 -4.65 -14.59 5.04
N PHE A 516 -3.70 -15.53 4.98
CA PHE A 516 -4.08 -16.94 4.79
C PHE A 516 -4.47 -17.58 6.11
N ARG A 517 -3.79 -17.24 7.21
CA ARG A 517 -4.14 -17.81 8.51
C ARG A 517 -5.57 -17.48 8.92
N TYR A 518 -6.07 -16.31 8.54
CA TYR A 518 -7.46 -15.96 8.83
C TYR A 518 -8.44 -16.95 8.22
N MET A 519 -8.05 -17.66 7.15
CA MET A 519 -8.95 -18.61 6.51
C MET A 519 -9.19 -19.84 7.36
N SER A 520 -8.27 -20.18 8.27
CA SER A 520 -8.43 -21.33 9.16
C SER A 520 -7.55 -21.12 10.40
N PRO A 521 -7.88 -20.14 11.25
CA PRO A 521 -6.94 -19.71 12.29
C PRO A 521 -6.78 -20.70 13.43
N LYS A 522 -7.60 -21.75 13.50
CA LYS A 522 -7.43 -22.80 14.49
C LYS A 522 -6.91 -24.10 13.86
N PHE A 523 -6.52 -24.08 12.59
CA PHE A 523 -6.00 -25.28 11.96
C PHE A 523 -4.65 -25.63 12.57
N SER A 524 -4.53 -26.83 13.14
CA SER A 524 -3.28 -27.22 13.81
C SER A 524 -2.44 -28.20 13.01
N ASP A 525 -2.81 -28.52 11.77
CA ASP A 525 -1.99 -29.39 10.93
C ASP A 525 -1.26 -28.66 9.82
N GLY A 526 -1.36 -27.35 9.73
CA GLY A 526 -0.60 -26.63 8.72
C GLY A 526 -0.86 -25.14 8.81
N MET A 527 -0.15 -24.41 7.95
CA MET A 527 -0.33 -22.96 7.91
C MET A 527 -1.80 -22.61 7.65
N VAL A 528 -2.44 -23.33 6.73
CA VAL A 528 -3.81 -23.05 6.30
C VAL A 528 -4.37 -24.35 5.74
N SER A 529 -5.60 -24.68 6.12
CA SER A 529 -6.19 -25.91 5.63
C SER A 529 -6.48 -25.81 4.13
N ALA A 530 -6.44 -26.98 3.47
CA ALA A 530 -6.66 -27.00 2.03
C ALA A 530 -8.07 -26.59 1.67
N GLU A 531 -9.06 -27.05 2.44
CA GLU A 531 -10.44 -26.71 2.12
C GLU A 531 -10.68 -25.21 2.25
N SER A 532 -10.14 -24.59 3.31
CA SER A 532 -10.45 -23.18 3.52
C SER A 532 -9.69 -22.30 2.52
N ALA A 533 -8.47 -22.68 2.16
CA ALA A 533 -7.73 -21.96 1.13
C ALA A 533 -8.43 -22.05 -0.22
N LYS A 534 -9.00 -23.22 -0.52
CA LYS A 534 -9.72 -23.38 -1.77
C LYS A 534 -11.01 -22.56 -1.78
N TYR A 535 -11.68 -22.44 -0.64
CA TYR A 535 -12.91 -21.67 -0.61
C TYR A 535 -12.63 -20.18 -0.72
N TRP A 536 -11.75 -19.65 0.12
CA TRP A 536 -11.56 -18.21 0.18
C TRP A 536 -10.67 -17.67 -0.93
N GLY A 537 -9.83 -18.52 -1.54
CA GLY A 537 -9.05 -18.07 -2.69
C GLY A 537 -8.05 -16.99 -2.29
N ALA A 538 -8.18 -15.82 -2.90
CA ALA A 538 -7.36 -14.67 -2.61
C ALA A 538 -8.20 -13.61 -1.91
N VAL A 539 -7.51 -12.62 -1.33
CA VAL A 539 -8.17 -11.46 -0.72
C VAL A 539 -8.79 -10.63 -1.82
N ASP A 540 -10.10 -10.36 -1.70
CA ASP A 540 -10.78 -9.58 -2.73
C ASP A 540 -10.43 -8.11 -2.65
N GLN A 541 -10.28 -7.59 -1.43
CA GLN A 541 -10.05 -6.17 -1.22
C GLN A 541 -9.11 -6.01 -0.05
N TYR A 542 -8.03 -5.25 -0.25
CA TYR A 542 -7.07 -4.97 0.79
C TYR A 542 -7.02 -3.46 0.95
N ILE A 543 -6.98 -2.98 2.20
CA ILE A 543 -7.05 -1.56 2.51
C ILE A 543 -5.94 -1.21 3.49
N GLY A 544 -5.04 -0.32 3.09
CA GLY A 544 -4.01 0.10 4.03
C GLY A 544 -3.16 1.21 3.46
N GLY A 545 -2.29 1.75 4.31
CA GLY A 545 -1.51 2.92 3.95
C GLY A 545 -0.40 2.65 2.94
N ILE A 546 -0.05 3.70 2.21
CA ILE A 546 0.98 3.65 1.18
C ILE A 546 2.37 3.41 1.75
N GLU A 547 2.57 3.59 3.07
CA GLU A 547 3.88 3.26 3.65
C GLU A 547 4.21 1.78 3.54
N HIS A 548 3.23 0.92 3.25
CA HIS A 548 3.51 -0.50 3.11
C HIS A 548 3.47 -0.96 1.65
N ALA A 549 3.47 -0.01 0.71
CA ALA A 549 3.33 -0.38 -0.70
C ALA A 549 4.54 -1.13 -1.26
N ILE A 550 5.68 -1.10 -0.60
CA ILE A 550 6.85 -1.76 -1.17
C ILE A 550 7.14 -3.03 -0.39
N LEU A 551 7.76 -2.89 0.79
CA LEU A 551 8.27 -4.05 1.51
C LEU A 551 7.15 -5.00 1.91
N HIS A 552 6.19 -4.52 2.70
CA HIS A 552 5.12 -5.42 3.13
C HIS A 552 4.45 -6.10 1.95
N LEU A 553 4.09 -5.32 0.91
CA LEU A 553 3.38 -5.96 -0.19
C LEU A 553 4.28 -6.94 -0.95
N LEU A 554 5.53 -6.58 -1.18
CA LEU A 554 6.43 -7.49 -1.89
C LEU A 554 6.64 -8.78 -1.09
N TYR A 555 6.84 -8.66 0.23
CA TYR A 555 7.00 -9.83 1.08
C TYR A 555 5.77 -10.72 1.07
N ALA A 556 4.57 -10.10 1.17
CA ALA A 556 3.33 -10.86 1.11
C ALA A 556 3.18 -11.61 -0.22
N ARG A 557 3.49 -10.94 -1.32
CA ARG A 557 3.43 -11.60 -2.62
C ARG A 557 4.45 -12.73 -2.70
N PHE A 558 5.63 -12.53 -2.11
CA PHE A 558 6.67 -13.55 -2.12
C PHE A 558 6.26 -14.78 -1.31
N PHE A 559 5.75 -14.56 -0.10
CA PHE A 559 5.25 -15.68 0.71
C PHE A 559 4.12 -16.44 0.01
N THR A 560 3.23 -15.71 -0.67
CA THR A 560 2.16 -16.38 -1.39
C THR A 560 2.74 -17.36 -2.40
N LYS A 561 3.69 -16.90 -3.20
CA LYS A 561 4.28 -17.77 -4.21
C LYS A 561 5.01 -18.95 -3.54
N LEU A 562 5.71 -18.68 -2.43
CA LEU A 562 6.40 -19.77 -1.72
C LEU A 562 5.41 -20.79 -1.21
N MET A 563 4.30 -20.33 -0.63
CA MET A 563 3.29 -21.25 -0.12
C MET A 563 2.62 -22.00 -1.25
N ARG A 564 2.33 -21.32 -2.37
CA ARG A 564 1.82 -22.01 -3.54
C ARG A 564 2.77 -23.12 -3.98
N ASP A 565 4.06 -22.80 -4.05
CA ASP A 565 5.05 -23.78 -4.45
C ASP A 565 5.17 -24.94 -3.47
N GLU A 566 4.81 -24.73 -2.20
CA GLU A 566 4.73 -25.83 -1.24
C GLU A 566 3.40 -26.56 -1.31
N GLY A 567 2.48 -26.14 -2.17
CA GLY A 567 1.22 -26.84 -2.28
C GLY A 567 0.19 -26.47 -1.24
N LEU A 568 0.37 -25.34 -0.56
CA LEU A 568 -0.54 -24.93 0.49
C LEU A 568 -1.72 -24.10 -0.03
N VAL A 569 -1.54 -23.38 -1.14
CA VAL A 569 -2.57 -22.54 -1.74
C VAL A 569 -2.44 -22.65 -3.25
N ASN A 570 -3.44 -22.15 -3.97
CA ASN A 570 -3.47 -22.27 -5.43
C ASN A 570 -3.68 -20.94 -6.12
N VAL A 571 -3.35 -19.84 -5.46
CA VAL A 571 -3.33 -18.52 -6.08
C VAL A 571 -1.87 -18.10 -6.24
N ASP A 572 -1.64 -17.26 -7.25
CA ASP A 572 -0.34 -16.64 -7.49
C ASP A 572 -0.16 -15.35 -6.71
N GLU A 573 -1.25 -14.63 -6.44
CA GLU A 573 -1.22 -13.29 -5.88
C GLU A 573 -2.20 -13.21 -4.73
N PRO A 574 -1.81 -12.59 -3.62
CA PRO A 574 -2.67 -12.57 -2.44
C PRO A 574 -3.81 -11.56 -2.47
N PHE A 575 -3.63 -10.40 -3.11
CA PHE A 575 -4.61 -9.31 -3.02
C PHE A 575 -5.08 -8.91 -4.42
N GLU A 576 -6.38 -9.04 -4.67
CA GLU A 576 -6.90 -8.67 -5.99
C GLU A 576 -7.04 -7.16 -6.17
N ARG A 577 -7.55 -6.46 -5.17
CA ARG A 577 -7.69 -5.01 -5.24
C ARG A 577 -7.04 -4.37 -4.02
N LEU A 578 -6.64 -3.12 -4.19
CA LEU A 578 -5.85 -2.41 -3.20
C LEU A 578 -6.39 -1.00 -3.09
N LEU A 579 -6.76 -0.58 -1.88
CA LEU A 579 -7.22 0.78 -1.60
C LEU A 579 -6.28 1.40 -0.58
N THR A 580 -5.56 2.44 -0.98
CA THR A 580 -4.60 3.11 -0.07
C THR A 580 -5.25 4.37 0.46
N GLN A 581 -5.74 4.31 1.71
CA GLN A 581 -6.46 5.44 2.28
C GLN A 581 -5.53 6.61 2.57
N GLY A 582 -6.07 7.82 2.49
CA GLY A 582 -5.34 9.00 2.89
C GLY A 582 -5.18 9.07 4.39
N MET A 583 -4.18 9.84 4.81
CA MET A 583 -3.90 9.96 6.23
C MET A 583 -4.88 10.93 6.88
N VAL A 584 -5.24 10.65 8.13
CA VAL A 584 -5.93 11.62 8.96
C VAL A 584 -4.88 12.47 9.64
N VAL A 585 -5.05 13.78 9.57
CA VAL A 585 -4.09 14.71 10.13
C VAL A 585 -4.81 15.55 11.20
N CYS A 586 -4.01 16.11 12.11
CA CYS A 586 -4.59 16.86 13.21
C CYS A 586 -3.54 17.83 13.73
N GLU A 587 -4.02 18.98 14.20
CA GLU A 587 -3.15 19.98 14.81
C GLU A 587 -2.47 19.38 16.04
N THR A 588 -1.28 19.90 16.35
CA THR A 588 -0.48 19.43 17.47
C THR A 588 -0.25 20.56 18.48
N TYR A 589 0.11 20.18 19.70
CA TYR A 589 0.28 21.11 20.81
C TYR A 589 1.41 20.62 21.72
N TYR A 590 2.24 21.57 22.19
CA TYR A 590 3.40 21.21 23.00
C TYR A 590 3.65 22.30 24.04
N ARG A 591 4.51 21.96 25.00
CA ARG A 591 4.98 22.89 26.01
C ARG A 591 6.45 22.62 26.24
N GLU A 592 7.24 23.70 26.37
CA GLU A 592 8.69 23.57 26.46
C GLU A 592 9.08 22.84 27.74
N ASN A 593 9.91 21.81 27.58
CA ASN A 593 10.32 20.98 28.71
C ASN A 593 11.40 21.70 29.53
N ASP A 594 11.45 21.35 30.83
CA ASP A 594 12.50 21.89 31.68
C ASP A 594 13.88 21.49 31.19
N LYS A 595 14.00 20.34 30.53
CA LYS A 595 15.25 19.92 29.90
C LYS A 595 15.50 20.63 28.58
N GLY A 596 14.68 21.60 28.21
CA GLY A 596 14.80 22.29 26.95
C GLY A 596 14.10 21.61 25.78
N GLY A 597 13.45 20.47 26.01
CA GLY A 597 12.73 19.79 24.96
C GLY A 597 11.31 20.28 24.80
N LYS A 598 10.39 19.37 24.46
CA LYS A 598 8.99 19.74 24.28
C LYS A 598 8.10 18.60 24.77
N ASP A 599 7.09 18.95 25.55
CA ASP A 599 6.11 17.99 26.05
C ASP A 599 4.90 18.04 25.13
N TRP A 600 4.80 17.07 24.22
CA TRP A 600 3.70 17.03 23.27
C TRP A 600 2.41 16.66 23.98
N ILE A 601 1.41 17.53 23.87
CA ILE A 601 0.14 17.37 24.57
C ILE A 601 -0.91 16.89 23.59
N ASN A 602 -1.84 16.06 24.09
CA ASN A 602 -2.92 15.52 23.27
C ASN A 602 -4.03 16.55 23.10
N PRO A 603 -4.59 16.67 21.89
CA PRO A 603 -5.69 17.63 21.68
C PRO A 603 -6.87 17.45 22.62
N ALA A 604 -7.14 16.22 23.07
CA ALA A 604 -8.28 16.01 23.97
C ALA A 604 -8.06 16.58 25.36
N ASP A 605 -6.84 17.02 25.69
CA ASP A 605 -6.55 17.59 27.00
C ASP A 605 -6.18 19.06 26.91
N VAL A 606 -6.56 19.76 25.84
CA VAL A 606 -6.30 21.18 25.72
C VAL A 606 -7.62 21.90 25.45
N GLU A 607 -7.60 23.21 25.67
CA GLU A 607 -8.78 24.05 25.50
C GLU A 607 -8.42 25.31 24.72
N LEU A 608 -9.27 25.69 23.78
CA LEU A 608 -9.09 26.93 23.02
C LEU A 608 -10.43 27.50 22.57
N SER A 618 -5.15 31.81 21.21
CA SER A 618 -4.71 31.45 22.56
C SER A 618 -5.37 30.14 23.01
N ALA A 619 -4.55 29.24 23.57
CA ALA A 619 -5.03 27.94 24.03
C ALA A 619 -4.32 27.57 25.32
N VAL A 620 -5.02 26.79 26.16
CA VAL A 620 -4.52 26.39 27.47
C VAL A 620 -4.72 24.90 27.68
N LEU A 621 -3.90 24.35 28.57
CA LEU A 621 -4.06 22.96 28.98
C LEU A 621 -5.32 22.80 29.84
N LYS A 622 -6.06 21.71 29.59
CA LYS A 622 -7.33 21.50 30.28
C LYS A 622 -7.15 21.05 31.73
N ALA A 623 -5.92 20.91 32.20
CA ALA A 623 -5.65 20.45 33.57
C ALA A 623 -5.31 21.57 34.53
N ASP A 624 -4.56 22.58 34.08
CA ASP A 624 -4.12 23.66 34.97
C ASP A 624 -4.56 25.05 34.54
N GLY A 625 -4.99 25.23 33.29
CA GLY A 625 -5.33 26.53 32.78
C GLY A 625 -4.16 27.33 32.24
N LEU A 626 -2.93 26.88 32.48
CA LEU A 626 -1.77 27.52 31.89
C LEU A 626 -1.77 27.31 30.38
N PRO A 627 -1.23 28.25 29.62
CA PRO A 627 -1.30 28.14 28.16
C PRO A 627 -0.38 27.06 27.62
N VAL A 628 -0.73 26.57 26.43
CA VAL A 628 0.10 25.64 25.68
C VAL A 628 0.27 26.18 24.27
N VAL A 629 1.33 25.71 23.59
CA VAL A 629 1.71 26.21 22.27
C VAL A 629 1.01 25.40 21.19
N ILE A 630 0.33 26.10 20.28
CA ILE A 630 -0.30 25.46 19.13
C ILE A 630 0.72 25.37 18.00
N SER A 631 0.94 24.16 17.48
CA SER A 631 1.97 23.94 16.46
C SER A 631 1.36 23.41 15.16
N GLY A 632 2.17 22.75 14.33
CA GLY A 632 1.73 22.41 12.98
C GLY A 632 0.82 21.19 12.92
N THR A 633 0.03 21.13 11.85
CA THR A 633 -0.92 20.05 11.63
C THR A 633 -0.26 18.94 10.83
N GLU A 634 -0.28 17.72 11.35
CA GLU A 634 0.33 16.59 10.63
C GLU A 634 -0.40 15.30 10.96
N LYS A 635 0.07 14.22 10.34
CA LYS A 635 -0.54 12.90 10.46
C LYS A 635 -0.70 12.50 11.93
N MET A 636 -1.88 11.99 12.27
CA MET A 636 -2.10 11.48 13.62
C MET A 636 -1.14 10.36 13.92
N SER A 637 -0.45 10.46 15.07
CA SER A 637 0.44 9.40 15.50
C SER A 637 0.85 9.67 16.94
N LYS A 638 1.41 8.64 17.58
CA LYS A 638 1.92 8.79 18.93
C LYS A 638 3.18 9.65 18.99
N SER A 639 3.80 9.94 17.85
CA SER A 639 5.04 10.71 17.82
C SER A 639 4.85 12.08 18.45
N LYS A 640 3.86 12.83 17.98
CA LYS A 640 3.55 14.14 18.54
C LYS A 640 2.29 14.11 19.40
N ASN A 641 1.84 12.91 19.77
CA ASN A 641 0.73 12.72 20.72
C ASN A 641 -0.53 13.45 20.25
N ASN A 642 -0.80 13.41 18.94
CA ASN A 642 -1.97 14.08 18.38
C ASN A 642 -3.00 13.08 17.85
N GLY A 643 -3.00 11.87 18.39
CA GLY A 643 -3.99 10.87 18.07
C GLY A 643 -5.26 11.08 18.88
N VAL A 644 -6.37 11.24 18.17
CA VAL A 644 -7.66 11.40 18.81
C VAL A 644 -8.22 10.01 19.09
N ASP A 645 -8.47 9.73 20.36
CA ASP A 645 -9.05 8.45 20.75
C ASP A 645 -10.52 8.41 20.34
N PRO A 646 -10.93 7.40 19.55
CA PRO A 646 -12.36 7.29 19.22
C PRO A 646 -13.27 7.13 20.42
N GLN A 647 -12.80 6.51 21.50
CA GLN A 647 -13.66 6.31 22.66
C GLN A 647 -14.16 7.65 23.20
N GLU A 648 -13.33 8.70 23.12
CA GLU A 648 -13.76 10.01 23.60
C GLU A 648 -14.80 10.60 22.66
N LEU A 649 -14.62 10.40 21.35
CA LEU A 649 -15.63 10.86 20.41
C LEU A 649 -16.91 10.06 20.57
N ILE A 650 -16.79 8.75 20.79
CA ILE A 650 -17.97 7.90 20.95
C ILE A 650 -18.74 8.27 22.22
N ASN A 651 -18.04 8.52 23.33
CA ASN A 651 -18.73 8.93 24.57
C ASN A 651 -19.52 10.21 24.36
N ALA A 652 -18.97 11.13 23.56
CA ALA A 652 -19.57 12.44 23.35
C ALA A 652 -20.62 12.46 22.23
N TYR A 653 -20.46 11.64 21.19
CA TYR A 653 -21.35 11.73 20.03
C TYR A 653 -21.84 10.40 19.47
N GLY A 654 -21.20 9.27 19.78
CA GLY A 654 -21.62 8.01 19.22
C GLY A 654 -20.68 7.53 18.11
N ALA A 655 -20.70 6.22 17.89
CA ALA A 655 -19.87 5.63 16.84
C ALA A 655 -20.33 6.09 15.46
N ASP A 656 -21.65 6.20 15.23
CA ASP A 656 -22.11 6.53 13.89
C ASP A 656 -21.61 7.90 13.47
N THR A 657 -21.62 8.87 14.38
CA THR A 657 -21.03 10.18 14.11
C THR A 657 -19.56 10.07 13.71
N ALA A 658 -18.78 9.30 14.46
CA ALA A 658 -17.37 9.14 14.12
C ALA A 658 -17.22 8.55 12.73
N ARG A 659 -17.99 7.50 12.43
CA ARG A 659 -17.88 6.82 11.14
C ARG A 659 -18.34 7.73 10.01
N LEU A 660 -19.41 8.49 10.23
CA LEU A 660 -19.95 9.35 9.20
C LEU A 660 -18.99 10.48 8.86
N PHE A 661 -18.42 11.12 9.89
CA PHE A 661 -17.44 12.18 9.65
C PHE A 661 -16.26 11.67 8.84
N MET A 662 -15.70 10.51 9.22
CA MET A 662 -14.56 9.96 8.48
C MET A 662 -14.92 9.71 7.01
N MET A 663 -16.11 9.13 6.76
CA MET A 663 -16.44 8.80 5.39
C MET A 663 -16.86 10.02 4.58
N PHE A 664 -17.36 11.08 5.22
CA PHE A 664 -17.91 12.21 4.49
C PHE A 664 -16.91 13.33 4.24
N ALA A 665 -15.92 13.49 5.13
CA ALA A 665 -15.07 14.69 5.11
C ALA A 665 -14.21 14.76 3.85
N ALA A 666 -13.85 13.63 3.25
CA ALA A 666 -12.97 13.65 2.08
C ALA A 666 -13.09 12.32 1.36
N PRO A 667 -12.81 12.29 0.05
CA PRO A 667 -12.63 11.00 -0.65
C PRO A 667 -11.63 10.16 0.12
N PRO A 668 -11.78 8.83 0.09
CA PRO A 668 -10.97 7.99 1.00
C PRO A 668 -9.47 8.08 0.76
N GLU A 669 -9.02 8.37 -0.47
CA GLU A 669 -7.58 8.44 -0.77
C GLU A 669 -6.97 9.78 -0.42
N GLN A 670 -7.80 10.81 -0.19
CA GLN A 670 -7.33 12.15 0.11
C GLN A 670 -7.12 12.28 1.61
N SER A 671 -6.14 13.10 2.00
CA SER A 671 -5.92 13.39 3.41
C SER A 671 -7.15 14.04 4.03
N LEU A 672 -7.31 13.84 5.33
CA LEU A 672 -8.52 14.23 6.06
C LEU A 672 -8.11 14.97 7.32
N GLU A 673 -8.51 16.23 7.42
CA GLU A 673 -8.11 17.07 8.55
C GLU A 673 -9.12 16.91 9.69
N TRP A 674 -8.63 16.68 10.90
CA TRP A 674 -9.54 16.61 12.04
C TRP A 674 -10.22 17.95 12.27
N SER A 675 -11.52 17.89 12.60
CA SER A 675 -12.32 19.11 12.74
C SER A 675 -13.45 18.87 13.72
N ASP A 676 -13.47 19.65 14.80
CA ASP A 676 -14.65 19.66 15.66
C ASP A 676 -15.89 20.02 14.87
N SER A 677 -15.77 20.97 13.94
CA SER A 677 -16.91 21.37 13.13
C SER A 677 -17.42 20.22 12.27
N GLY A 678 -16.51 19.39 11.74
CA GLY A 678 -16.93 18.25 10.95
C GLY A 678 -17.67 17.21 11.75
N VAL A 679 -17.23 16.94 12.98
CA VAL A 679 -17.96 16.03 13.85
C VAL A 679 -19.37 16.55 14.12
N GLU A 680 -19.49 17.86 14.36
CA GLU A 680 -20.82 18.40 14.66
C GLU A 680 -21.74 18.30 13.44
N GLY A 681 -21.21 18.57 12.25
CA GLY A 681 -22.03 18.42 11.05
C GLY A 681 -22.50 17.00 10.83
N ALA A 682 -21.64 16.02 11.08
CA ALA A 682 -22.05 14.62 10.97
C ALA A 682 -23.15 14.29 11.97
N HIS A 683 -23.07 14.84 13.19
CA HIS A 683 -24.06 14.51 14.20
C HIS A 683 -25.42 15.12 13.85
N ARG A 684 -25.42 16.37 13.39
CA ARG A 684 -26.66 17.01 12.98
C ARG A 684 -27.34 16.24 11.86
N PHE A 685 -26.56 15.69 10.92
CA PHE A 685 -27.19 14.91 9.86
C PHE A 685 -27.85 13.65 10.42
N LEU A 686 -27.24 13.03 11.44
CA LEU A 686 -27.86 11.85 12.03
C LEU A 686 -29.16 12.21 12.73
N ARG A 687 -29.21 13.38 13.38
CA ARG A 687 -30.49 13.80 13.97
C ARG A 687 -31.50 14.15 12.90
N ARG A 688 -31.04 14.68 11.75
CA ARG A 688 -31.97 14.94 10.64
C ARG A 688 -32.59 13.64 10.15
N LEU A 689 -31.76 12.62 9.94
CA LEU A 689 -32.25 11.31 9.51
C LEU A 689 -33.22 10.74 10.53
N TRP A 690 -32.85 10.75 11.82
CA TRP A 690 -33.76 10.28 12.87
C TRP A 690 -35.06 11.07 12.87
N ARG A 691 -34.97 12.41 12.87
CA ARG A 691 -36.15 13.26 12.85
C ARG A 691 -37.05 12.94 11.67
N THR A 692 -36.45 12.69 10.50
CA THR A 692 -37.24 12.44 9.30
C THR A 692 -38.12 11.21 9.47
N VAL A 693 -37.55 10.11 9.97
CA VAL A 693 -38.33 8.90 10.12
C VAL A 693 -39.35 9.03 11.24
N TYR A 694 -38.96 9.64 12.36
CA TYR A 694 -39.90 9.84 13.46
C TYR A 694 -41.12 10.62 12.99
N GLU A 695 -40.91 11.74 12.29
CA GLU A 695 -42.04 12.54 11.85
C GLU A 695 -42.91 11.81 10.83
N TYR A 696 -42.28 10.98 9.98
CA TYR A 696 -43.06 10.17 9.04
C TYR A 696 -43.97 9.20 9.77
N LEU A 697 -43.44 8.50 10.78
CA LEU A 697 -44.22 7.52 11.50
C LEU A 697 -45.22 8.16 12.46
N LYS A 698 -44.98 9.40 12.86
CA LYS A 698 -45.97 10.09 13.68
C LYS A 698 -47.22 10.44 12.89
N GLN A 699 -47.12 10.63 11.58
CA GLN A 699 -48.24 11.09 10.76
C GLN A 699 -49.13 9.98 10.22
N GLY A 700 -48.89 8.73 10.58
CA GLY A 700 -49.76 7.67 10.10
C GLY A 700 -49.29 6.25 10.33
N GLY A 701 -48.02 6.06 10.62
CA GLY A 701 -47.51 4.73 10.81
C GLY A 701 -47.09 4.07 9.50
N ALA A 702 -46.40 2.94 9.65
CA ALA A 702 -45.74 2.32 8.50
C ALA A 702 -46.77 1.69 7.57
N VAL A 703 -46.48 1.78 6.27
CA VAL A 703 -47.34 1.23 5.22
C VAL A 703 -46.46 0.42 4.28
N LYS A 704 -47.12 -0.27 3.37
CA LYS A 704 -46.41 -1.05 2.36
C LYS A 704 -45.73 -0.10 1.38
N ALA A 705 -44.42 -0.25 1.22
CA ALA A 705 -43.68 0.62 0.30
C ALA A 705 -44.21 0.50 -1.10
N PHE A 706 -44.24 1.63 -1.82
CA PHE A 706 -44.69 1.63 -3.20
C PHE A 706 -43.82 0.72 -4.05
N ALA A 707 -44.45 0.00 -4.96
CA ALA A 707 -43.74 -0.83 -5.93
C ALA A 707 -44.65 -1.05 -7.12
N GLY A 708 -44.04 -1.34 -8.26
CA GLY A 708 -44.81 -1.68 -9.44
C GLY A 708 -45.05 -0.49 -10.35
N ASN A 709 -46.09 -0.64 -11.18
CA ASN A 709 -46.43 0.37 -12.18
C ASN A 709 -46.73 1.70 -11.53
N GLN A 710 -46.02 2.75 -11.95
CA GLN A 710 -46.25 4.07 -11.39
C GLN A 710 -47.12 4.96 -12.28
N ASP A 711 -47.75 4.40 -13.32
CA ASP A 711 -48.67 5.20 -14.10
C ASP A 711 -49.85 5.58 -13.22
N GLY A 712 -50.23 6.85 -13.28
CA GLY A 712 -51.25 7.37 -12.40
C GLY A 712 -50.70 8.05 -11.17
N LEU A 713 -49.41 7.89 -10.87
CA LEU A 713 -48.80 8.69 -9.82
C LEU A 713 -48.72 10.15 -10.26
N SER A 714 -48.83 11.05 -9.30
CA SER A 714 -48.70 12.47 -9.57
C SER A 714 -47.27 12.80 -10.01
N LYS A 715 -47.15 13.87 -10.80
CA LYS A 715 -45.84 14.28 -11.31
C LYS A 715 -44.84 14.47 -10.18
N GLU A 716 -45.27 15.07 -9.06
CA GLU A 716 -44.37 15.26 -7.93
C GLU A 716 -43.87 13.93 -7.38
N LEU A 717 -44.75 12.93 -7.25
CA LEU A 717 -44.31 11.64 -6.73
C LEU A 717 -43.48 10.89 -7.77
N LYS A 718 -43.80 11.02 -9.06
CA LYS A 718 -42.95 10.42 -10.07
C LYS A 718 -41.55 11.01 -10.02
N ASP A 719 -41.44 12.32 -9.75
CA ASP A 719 -40.13 12.95 -9.63
C ASP A 719 -39.37 12.42 -8.43
N LEU A 720 -40.06 12.20 -7.32
CA LEU A 720 -39.38 11.69 -6.12
C LEU A 720 -38.88 10.26 -6.35
N ARG A 721 -39.69 9.42 -7.00
CA ARG A 721 -39.23 8.07 -7.35
C ARG A 721 -38.08 8.12 -8.35
N HIS A 722 -38.10 9.06 -9.28
CA HIS A 722 -36.96 9.21 -10.18
C HIS A 722 -35.70 9.55 -9.39
N LYS A 723 -35.82 10.54 -8.47
CA LYS A 723 -34.68 10.89 -7.61
C LYS A 723 -34.25 9.69 -6.78
N LEU A 724 -35.23 8.93 -6.30
CA LEU A 724 -34.92 7.77 -5.46
C LEU A 724 -34.08 6.76 -6.21
N HIS A 725 -34.54 6.35 -7.39
CA HIS A 725 -33.85 5.28 -8.07
C HIS A 725 -32.58 5.76 -8.76
N SER A 726 -32.53 7.03 -9.17
CA SER A 726 -31.26 7.63 -9.54
C SER A 726 -30.27 7.59 -8.38
N THR A 727 -30.74 7.90 -7.17
CA THR A 727 -29.84 7.89 -6.02
C THR A 727 -29.33 6.48 -5.75
N THR A 728 -30.21 5.47 -5.83
CA THR A 728 -29.80 4.09 -5.64
C THR A 728 -28.74 3.67 -6.67
N ALA A 729 -28.95 4.00 -7.94
CA ALA A 729 -27.93 3.69 -8.95
C ALA A 729 -26.60 4.37 -8.62
N LYS A 730 -26.63 5.65 -8.24
CA LYS A 730 -25.40 6.38 -7.96
C LYS A 730 -24.65 5.80 -6.76
N VAL A 731 -25.37 5.51 -5.67
CA VAL A 731 -24.70 5.01 -4.47
C VAL A 731 -24.11 3.63 -4.73
N SER A 732 -24.82 2.78 -5.47
CA SER A 732 -24.31 1.47 -5.81
C SER A 732 -23.00 1.57 -6.58
N ASP A 733 -22.93 2.51 -7.52
CA ASP A 733 -21.71 2.72 -8.30
C ASP A 733 -20.61 3.32 -7.45
N ASP A 734 -20.97 4.18 -6.49
CA ASP A 734 -19.98 4.78 -5.60
C ASP A 734 -19.40 3.77 -4.62
N TYR A 735 -20.23 2.86 -4.08
CA TYR A 735 -19.67 1.84 -3.18
C TYR A 735 -18.92 0.78 -3.97
N GLY A 736 -19.47 0.38 -5.12
CA GLY A 736 -19.08 -0.84 -5.79
C GLY A 736 -17.94 -0.67 -6.77
N ARG A 737 -17.99 0.39 -7.58
CA ARG A 737 -16.96 0.63 -8.59
C ARG A 737 -16.01 1.74 -8.20
N ARG A 738 -16.54 2.91 -7.85
CA ARG A 738 -15.70 4.07 -7.57
C ARG A 738 -15.05 4.00 -6.20
N GLN A 739 -15.69 3.33 -5.24
CA GLN A 739 -15.25 3.29 -3.84
C GLN A 739 -15.01 4.69 -3.29
N GLN A 740 -15.94 5.59 -3.60
CA GLN A 740 -15.93 6.99 -3.17
C GLN A 740 -17.15 7.17 -2.25
N PHE A 741 -16.92 7.17 -0.96
CA PHE A 741 -18.07 7.13 -0.05
C PHE A 741 -18.62 8.52 0.26
N ASN A 742 -17.79 9.56 0.19
CA ASN A 742 -18.27 10.91 0.49
C ASN A 742 -19.35 11.34 -0.49
N THR A 743 -19.21 10.96 -1.76
CA THR A 743 -20.22 11.31 -2.75
C THR A 743 -21.47 10.44 -2.62
N ALA A 744 -21.31 9.21 -2.13
CA ALA A 744 -22.49 8.39 -1.86
C ALA A 744 -23.38 9.02 -0.78
N ILE A 745 -22.76 9.53 0.28
CA ILE A 745 -23.50 10.18 1.36
C ILE A 745 -24.14 11.47 0.87
N ALA A 746 -23.40 12.25 0.09
CA ALA A 746 -23.98 13.47 -0.49
C ALA A 746 -25.18 13.15 -1.38
N ALA A 747 -25.15 12.02 -2.08
CA ALA A 747 -26.28 11.66 -2.93
C ALA A 747 -27.53 11.39 -2.10
N VAL A 748 -27.38 10.65 -1.00
CA VAL A 748 -28.53 10.37 -0.14
C VAL A 748 -29.06 11.65 0.48
N MET A 749 -28.16 12.58 0.82
CA MET A 749 -28.59 13.88 1.30
C MET A 749 -29.46 14.59 0.27
N GLU A 750 -29.13 14.46 -1.02
CA GLU A 750 -29.94 15.11 -2.04
C GLU A 750 -31.32 14.46 -2.14
N LEU A 751 -31.39 13.15 -2.00
CA LEU A 751 -32.68 12.48 -2.00
C LEU A 751 -33.56 12.99 -0.86
N LEU A 752 -32.97 13.14 0.33
CA LEU A 752 -33.74 13.64 1.45
C LEU A 752 -34.18 15.08 1.21
N ASN A 753 -33.35 15.88 0.56
CA ASN A 753 -33.75 17.25 0.25
C ASN A 753 -34.96 17.26 -0.66
N GLN A 754 -34.98 16.41 -1.69
CA GLN A 754 -36.16 16.30 -2.54
C GLN A 754 -37.36 15.79 -1.75
N TYR A 755 -37.14 14.74 -0.94
CA TYR A 755 -38.19 14.24 -0.05
C TYR A 755 -38.81 15.38 0.75
N ASP A 756 -37.98 16.19 1.40
CA ASP A 756 -38.50 17.28 2.24
C ASP A 756 -39.37 18.25 1.46
N LYS A 757 -39.16 18.36 0.14
CA LYS A 757 -39.93 19.28 -0.68
C LYS A 757 -41.11 18.62 -1.36
N THR A 758 -41.45 17.39 -1.00
CA THR A 758 -42.53 16.65 -1.67
C THR A 758 -43.71 16.45 -0.72
N ASP A 759 -44.92 16.75 -1.19
CA ASP A 759 -46.12 16.46 -0.39
C ASP A 759 -46.35 14.95 -0.42
N THR A 760 -46.17 14.28 0.71
CA THR A 760 -46.33 12.83 0.79
C THR A 760 -47.47 12.42 1.72
N GLY A 761 -48.44 13.32 1.93
CA GLY A 761 -49.56 13.03 2.81
C GLY A 761 -50.63 12.11 2.23
N SER A 762 -50.81 12.06 0.91
CA SER A 762 -51.84 11.21 0.31
C SER A 762 -51.55 9.73 0.54
N GLU A 763 -52.55 8.88 0.27
CA GLU A 763 -52.32 7.44 0.33
C GLU A 763 -51.15 7.03 -0.55
N GLN A 764 -51.16 7.42 -1.81
CA GLN A 764 -50.02 7.08 -2.67
C GLN A 764 -48.76 7.80 -2.20
N GLY A 765 -48.91 9.00 -1.64
CA GLY A 765 -47.74 9.73 -1.17
C GLY A 765 -47.05 9.04 -0.01
N ARG A 766 -47.82 8.43 0.90
CA ARG A 766 -47.22 7.73 2.03
C ARG A 766 -46.48 6.48 1.57
N ALA A 767 -47.00 5.81 0.55
CA ALA A 767 -46.35 4.61 0.04
C ALA A 767 -45.01 4.95 -0.62
N VAL A 768 -44.96 6.07 -1.33
CA VAL A 768 -43.69 6.52 -1.90
C VAL A 768 -42.75 6.96 -0.79
N ALA A 769 -43.28 7.66 0.23
CA ALA A 769 -42.46 8.05 1.37
C ALA A 769 -41.81 6.82 2.00
N GLN A 770 -42.61 5.77 2.23
CA GLN A 770 -42.07 4.54 2.79
C GLN A 770 -40.99 3.95 1.89
N GLU A 771 -41.24 3.93 0.58
CA GLU A 771 -40.22 3.44 -0.34
C GLU A 771 -38.92 4.23 -0.23
N VAL A 772 -39.03 5.57 -0.18
CA VAL A 772 -37.83 6.43 -0.09
C VAL A 772 -37.06 6.14 1.20
N LEU A 773 -37.75 6.14 2.34
CA LEU A 773 -37.07 5.97 3.62
C LEU A 773 -36.46 4.58 3.76
N GLU A 774 -37.19 3.53 3.34
CA GLU A 774 -36.63 2.18 3.37
C GLU A 774 -35.37 2.07 2.52
N ALA A 775 -35.25 2.87 1.49
CA ALA A 775 -34.06 2.82 0.66
C ALA A 775 -32.93 3.61 1.29
N ALA A 776 -33.23 4.83 1.76
CA ALA A 776 -32.21 5.67 2.37
C ALA A 776 -31.50 4.94 3.51
N VAL A 777 -32.27 4.29 4.39
CA VAL A 777 -31.63 3.69 5.56
C VAL A 777 -30.80 2.49 5.18
N ARG A 778 -31.16 1.77 4.11
CA ARG A 778 -30.29 0.69 3.69
C ARG A 778 -29.09 1.20 2.91
N LEU A 779 -29.26 2.27 2.12
CA LEU A 779 -28.13 2.84 1.39
C LEU A 779 -27.06 3.36 2.33
N LEU A 780 -27.45 3.84 3.52
CA LEU A 780 -26.52 4.35 4.51
C LEU A 780 -26.07 3.31 5.53
N TRP A 781 -26.69 2.14 5.57
CA TRP A 781 -26.35 1.14 6.57
C TRP A 781 -24.87 0.75 6.56
N PRO A 782 -24.18 0.64 5.42
CA PRO A 782 -22.73 0.40 5.49
C PRO A 782 -21.96 1.49 6.19
N ILE A 783 -22.41 2.74 6.08
CA ILE A 783 -21.70 3.84 6.73
C ILE A 783 -22.09 3.94 8.21
N VAL A 784 -23.39 4.02 8.49
CA VAL A 784 -23.83 4.24 9.86
C VAL A 784 -24.80 3.14 10.25
N PRO A 785 -24.32 1.92 10.47
CA PRO A 785 -25.23 0.78 10.61
C PRO A 785 -26.05 0.81 11.87
N HIS A 786 -25.62 1.49 12.95
CA HIS A 786 -26.39 1.47 14.20
C HIS A 786 -27.70 2.21 14.05
N ILE A 787 -27.65 3.47 13.61
CA ILE A 787 -28.88 4.22 13.47
C ILE A 787 -29.75 3.62 12.37
N CYS A 788 -29.14 3.13 11.28
CA CYS A 788 -29.93 2.59 10.17
C CYS A 788 -30.62 1.29 10.55
N GLU A 789 -29.94 0.45 11.34
CA GLU A 789 -30.58 -0.76 11.86
C GLU A 789 -31.80 -0.41 12.69
N THR A 790 -31.66 0.57 13.59
CA THR A 790 -32.77 0.94 14.47
C THR A 790 -33.92 1.55 13.67
N LEU A 791 -33.59 2.46 12.74
CA LEU A 791 -34.63 3.10 11.94
C LEU A 791 -35.35 2.09 11.05
N TRP A 792 -34.60 1.16 10.45
CA TRP A 792 -35.22 0.12 9.63
C TRP A 792 -36.30 -0.62 10.40
N SER A 793 -35.98 -1.07 11.62
CA SER A 793 -36.90 -1.87 12.42
C SER A 793 -38.17 -1.11 12.81
N GLU A 794 -38.14 0.22 12.84
CA GLU A 794 -39.37 0.99 13.02
C GLU A 794 -40.18 1.11 11.74
N LEU A 795 -39.53 0.95 10.58
CA LEU A 795 -40.20 1.09 9.29
C LEU A 795 -40.77 -0.23 8.78
N ASN A 796 -40.12 -1.35 9.09
CA ASN A 796 -40.34 -2.60 8.38
C ASN A 796 -39.97 -3.75 9.31
N GLY A 797 -40.70 -4.86 9.18
CA GLY A 797 -40.53 -5.98 10.08
C GLY A 797 -39.51 -7.00 9.64
N ALA A 798 -39.10 -6.98 8.38
CA ALA A 798 -38.13 -7.95 7.89
C ALA A 798 -36.73 -7.65 8.44
N LYS A 799 -35.84 -8.62 8.30
CA LYS A 799 -34.45 -8.40 8.68
C LYS A 799 -33.75 -7.57 7.60
N LEU A 800 -33.04 -6.53 8.03
CA LEU A 800 -32.44 -5.63 7.05
C LEU A 800 -31.53 -6.38 6.10
N TRP A 801 -30.68 -7.26 6.63
CA TRP A 801 -29.77 -8.02 5.77
C TRP A 801 -30.47 -9.07 4.91
N GLU A 802 -31.72 -9.43 5.22
CA GLU A 802 -32.44 -10.31 4.30
C GLU A 802 -33.21 -9.54 3.24
N ALA A 803 -33.66 -8.32 3.54
CA ALA A 803 -34.27 -7.49 2.52
C ALA A 803 -33.26 -7.11 1.44
N GLY A 804 -31.99 -6.99 1.80
CA GLY A 804 -30.93 -6.83 0.84
C GLY A 804 -30.75 -5.41 0.34
N TRP A 805 -29.72 -5.25 -0.49
CA TRP A 805 -29.40 -3.96 -1.08
C TRP A 805 -30.57 -3.46 -1.95
N PRO A 806 -30.88 -2.16 -1.92
CA PRO A 806 -32.01 -1.66 -2.73
C PRO A 806 -31.78 -1.92 -4.22
N THR A 807 -32.86 -2.27 -4.91
CA THR A 807 -32.82 -2.45 -6.36
C THR A 807 -33.25 -1.18 -7.08
N VAL A 808 -32.73 -1.00 -8.28
CA VAL A 808 -33.09 0.12 -9.15
C VAL A 808 -34.31 -0.27 -9.99
N ASP A 809 -35.37 0.52 -9.89
CA ASP A 809 -36.57 0.37 -10.73
C ASP A 809 -36.35 1.20 -11.97
N GLU A 810 -36.00 0.53 -13.08
CA GLU A 810 -35.72 1.23 -14.33
C GLU A 810 -36.94 2.00 -14.84
N ALA A 811 -38.14 1.48 -14.61
CA ALA A 811 -39.31 2.22 -15.09
C ALA A 811 -39.45 3.57 -14.41
N ALA A 812 -38.94 3.70 -13.19
CA ALA A 812 -39.02 4.98 -12.49
C ALA A 812 -38.10 6.03 -13.09
N LEU A 813 -37.15 5.60 -13.93
CA LEU A 813 -36.15 6.49 -14.50
C LEU A 813 -36.56 7.06 -15.85
N VAL A 814 -37.66 6.61 -16.43
CA VAL A 814 -38.10 7.11 -17.72
C VAL A 814 -38.99 8.32 -17.51
N LYS A 815 -38.69 9.41 -18.21
CA LYS A 815 -39.55 10.59 -18.12
C LYS A 815 -40.59 10.55 -19.24
N SER A 816 -41.49 11.52 -19.21
CA SER A 816 -42.60 11.49 -20.16
C SER A 816 -42.17 12.04 -21.51
N GLU A 817 -42.77 11.47 -22.57
CA GLU A 817 -42.57 11.95 -23.92
C GLU A 817 -43.20 13.33 -24.08
N ILE A 818 -42.75 14.05 -25.11
CA ILE A 818 -43.14 15.45 -25.34
C ILE A 818 -43.65 15.57 -26.77
N GLU A 819 -44.69 16.37 -26.96
CA GLU A 819 -45.26 16.61 -28.28
C GLU A 819 -44.62 17.85 -28.89
N VAL A 820 -44.11 17.71 -30.12
CA VAL A 820 -43.39 18.78 -30.81
C VAL A 820 -44.13 19.12 -32.10
N MET A 821 -44.17 20.41 -32.44
CA MET A 821 -44.84 20.86 -33.65
C MET A 821 -43.91 20.75 -34.86
N VAL A 822 -44.46 20.35 -36.00
CA VAL A 822 -43.69 20.21 -37.24
C VAL A 822 -44.20 21.27 -38.22
N GLN A 823 -43.33 22.21 -38.56
CA GLN A 823 -43.65 23.27 -39.51
C GLN A 823 -42.86 23.11 -40.81
N VAL A 824 -43.47 23.55 -41.90
CA VAL A 824 -42.82 23.61 -43.20
C VAL A 824 -42.86 25.07 -43.61
N ASN A 825 -41.69 25.72 -43.61
CA ASN A 825 -41.59 27.16 -43.86
C ASN A 825 -42.43 27.96 -42.87
N GLY A 826 -42.42 27.53 -41.60
CA GLY A 826 -43.11 28.24 -40.54
C GLY A 826 -44.59 27.96 -40.42
N LYS A 827 -45.17 27.15 -41.31
CA LYS A 827 -46.59 26.82 -41.27
C LYS A 827 -46.76 25.43 -40.66
N LEU A 828 -47.63 25.34 -39.64
CA LEU A 828 -47.82 24.09 -38.91
C LEU A 828 -48.38 23.01 -39.81
N ARG A 829 -47.62 21.92 -40.02
CA ARG A 829 -48.02 20.85 -40.92
C ARG A 829 -48.20 19.51 -40.21
N GLY A 830 -47.84 19.40 -38.94
CA GLY A 830 -48.00 18.13 -38.27
C GLY A 830 -47.48 18.22 -36.85
N LYS A 831 -47.58 17.08 -36.17
CA LYS A 831 -47.17 16.92 -34.79
C LYS A 831 -46.41 15.61 -34.68
N ILE A 832 -45.42 15.58 -33.78
CA ILE A 832 -44.62 14.38 -33.52
C ILE A 832 -44.51 14.20 -32.01
N THR A 833 -44.47 12.94 -31.61
CA THR A 833 -44.23 12.57 -30.21
C THR A 833 -42.82 12.02 -30.11
N VAL A 834 -42.01 12.59 -29.22
CA VAL A 834 -40.59 12.26 -29.09
C VAL A 834 -40.26 12.06 -27.61
N ALA A 835 -39.17 11.33 -27.36
CA ALA A 835 -38.75 11.10 -25.98
C ALA A 835 -38.22 12.40 -25.38
N ALA A 836 -38.27 12.47 -24.04
CA ALA A 836 -37.73 13.63 -23.35
C ALA A 836 -36.22 13.75 -23.57
N ASP A 837 -35.54 12.63 -23.82
CA ASP A 837 -34.11 12.58 -24.04
C ASP A 837 -33.73 12.72 -25.51
N ALA A 838 -34.71 12.92 -26.39
CA ALA A 838 -34.46 12.94 -27.83
C ALA A 838 -33.48 14.05 -28.19
N SER A 839 -32.48 13.69 -28.99
CA SER A 839 -31.49 14.66 -29.45
C SER A 839 -32.10 15.56 -30.53
N LYS A 840 -31.34 16.61 -30.87
CA LYS A 840 -31.76 17.50 -31.96
C LYS A 840 -31.79 16.75 -33.29
N ALA A 841 -30.96 15.71 -33.45
CA ALA A 841 -30.98 14.95 -34.70
C ALA A 841 -32.16 14.00 -34.77
N ASP A 842 -32.61 13.47 -33.63
CA ASP A 842 -33.82 12.64 -33.63
C ASP A 842 -35.05 13.46 -33.96
N LEU A 843 -35.13 14.70 -33.45
CA LEU A 843 -36.24 15.58 -33.81
C LEU A 843 -36.24 15.90 -35.30
N GLU A 844 -35.07 16.19 -35.86
CA GLU A 844 -34.98 16.38 -37.31
C GLU A 844 -35.43 15.13 -38.06
N ALA A 845 -34.95 13.96 -37.63
CA ALA A 845 -35.37 12.73 -38.30
C ALA A 845 -36.88 12.54 -38.23
N ALA A 846 -37.46 12.73 -37.05
CA ALA A 846 -38.89 12.49 -36.87
C ALA A 846 -39.73 13.53 -37.60
N ALA A 847 -39.26 14.78 -37.66
CA ALA A 847 -40.02 15.81 -38.34
C ALA A 847 -40.02 15.58 -39.85
N LEU A 848 -38.88 15.15 -40.41
CA LEU A 848 -38.79 14.96 -41.86
C LEU A 848 -39.70 13.83 -42.34
N ALA A 849 -39.96 12.83 -41.47
CA ALA A 849 -40.80 11.69 -41.80
C ALA A 849 -42.27 11.92 -41.44
N ASN A 850 -42.62 13.10 -40.92
CA ASN A 850 -44.01 13.39 -40.58
C ASN A 850 -44.86 13.44 -41.84
N GLU A 851 -46.08 12.92 -41.73
CA GLU A 851 -46.98 12.84 -42.87
C GLU A 851 -47.25 14.21 -43.47
N GLY A 852 -47.79 15.14 -42.68
CA GLY A 852 -48.06 16.49 -43.18
C GLY A 852 -46.83 17.24 -43.63
N ALA A 853 -45.65 16.91 -43.09
CA ALA A 853 -44.43 17.57 -43.51
C ALA A 853 -44.00 17.11 -44.91
N VAL A 854 -43.99 15.79 -45.13
CA VAL A 854 -43.53 15.26 -46.40
C VAL A 854 -44.46 15.67 -47.55
N LYS A 855 -45.74 15.87 -47.26
CA LYS A 855 -46.68 16.31 -48.30
C LYS A 855 -46.40 17.76 -48.69
N PHE A 856 -46.22 18.64 -47.70
CA PHE A 856 -46.02 20.05 -47.98
C PHE A 856 -44.58 20.42 -48.30
N MET A 857 -43.68 19.44 -48.33
CA MET A 857 -42.34 19.67 -48.86
C MET A 857 -42.26 19.49 -50.38
N GLU A 858 -43.22 18.78 -50.98
CA GLU A 858 -43.31 18.64 -52.44
C GLU A 858 -42.01 18.12 -53.05
N GLY A 859 -41.40 17.14 -52.40
CA GLY A 859 -40.18 16.54 -52.89
C GLY A 859 -38.96 17.45 -52.83
N LYS A 860 -39.17 18.71 -52.46
CA LYS A 860 -38.07 19.66 -52.39
C LYS A 860 -37.21 19.39 -51.16
N PRO A 861 -35.89 19.53 -51.27
CA PRO A 861 -35.02 19.27 -50.11
C PRO A 861 -35.09 20.38 -49.09
N ALA A 862 -34.63 20.07 -47.88
CA ALA A 862 -34.58 21.06 -46.82
C ALA A 862 -33.35 21.93 -47.01
N LYS A 863 -33.56 23.23 -47.18
CA LYS A 863 -32.44 24.16 -47.20
C LYS A 863 -31.86 24.34 -45.81
N LYS A 864 -32.71 24.39 -44.79
CA LYS A 864 -32.29 24.46 -43.39
C LYS A 864 -33.42 23.92 -42.52
N ILE A 865 -33.05 23.33 -41.38
CA ILE A 865 -34.01 22.78 -40.43
C ILE A 865 -33.73 23.41 -39.07
N ILE A 866 -34.68 24.19 -38.58
CA ILE A 866 -34.56 24.84 -37.28
C ILE A 866 -35.24 23.97 -36.23
N VAL A 867 -34.50 23.67 -35.16
CA VAL A 867 -34.94 22.75 -34.12
C VAL A 867 -35.00 23.51 -32.80
N VAL A 868 -36.21 23.76 -32.30
CA VAL A 868 -36.41 24.29 -30.95
C VAL A 868 -36.73 23.11 -30.04
N PRO A 869 -35.77 22.63 -29.23
CA PRO A 869 -36.06 21.50 -28.34
C PRO A 869 -37.31 21.71 -27.51
N GLY A 870 -38.13 20.65 -27.43
CA GLY A 870 -39.37 20.70 -26.67
C GLY A 870 -40.48 21.57 -27.23
N ARG A 871 -40.28 22.24 -28.37
CA ARG A 871 -41.29 23.15 -28.91
C ARG A 871 -41.62 22.82 -30.36
N LEU A 872 -40.67 22.97 -31.28
CA LEU A 872 -41.03 22.88 -32.69
C LEU A 872 -39.82 22.49 -33.52
N VAL A 873 -40.11 21.99 -34.72
CA VAL A 873 -39.12 21.81 -35.77
C VAL A 873 -39.64 22.52 -37.00
N ASN A 874 -38.81 23.40 -37.56
CA ASN A 874 -39.18 24.15 -38.75
C ASN A 874 -38.29 23.65 -39.89
N ILE A 875 -38.92 23.11 -40.94
CA ILE A 875 -38.23 22.64 -42.13
C ILE A 875 -38.33 23.72 -43.18
N VAL A 876 -37.18 24.27 -43.59
CA VAL A 876 -37.14 25.30 -44.63
C VAL A 876 -36.74 24.70 -45.96
#